data_9BL4
#
_entry.id   9BL4
#
_cell.length_a   46.936
_cell.length_b   60.537
_cell.length_c   64.900
_cell.angle_alpha   95.368
_cell.angle_beta   96.497
_cell.angle_gamma   106.021
#
_symmetry.space_group_name_H-M   'P 1'
#
loop_
_entity.id
_entity.type
_entity.pdbx_description
1 polymer 'HLA-B alpha chain (B*5703GB)'
2 polymer Beta-2-microglobulin
3 polymer 'Catenin alpha-1 peptide'
4 polymer 'Killer cell immunoglobulin-like receptor 3DL1'
5 non-polymer 2-acetamido-2-deoxy-beta-D-glucopyranose
6 water water
#
loop_
_entity_poly.entity_id
_entity_poly.type
_entity_poly.pdbx_seq_one_letter_code
_entity_poly.pdbx_strand_id
1 'polypeptide(L)'
;GSHSMRYFYTAMSRPGRGEPRFIAVGYVDDTQFVRFDSDAASPRMAPRAPWIEQEGPEYWDGETRNMKASAQTYRENLRI
ALRYYNQSEAGSHIIQVMYGCDVGPDGRLLRGHNQYAYDGKDYIALNEDLSSWTAADTAAQITQRKWEAARVAEQLRAYL
EGLCVEWLRRYLENGKETLQRADPPKTHVTHHPISDHEATLRCWALGFYPAEITLTWQRDGEDQTQDTELVETRPAGDRT
FQKWAAVVVPSGEEQRYTCHVQHEGLPKPLTLRWEP
;
A
2 'polypeptide(L)'
;MIQRTPKIQVYSRHPAENGKSNFLNCYVSGFHPSDIEVDLLKNGERIEKVEHSDLSFSKDWSFYLLYYTEFTPTEKDEYA
CRVNHVTLSQPKIVKWDRDM
;
B
3 'polypeptide(L)' ASLNLPAVSW C
4 'polypeptide(L)'
;HMGGQDKPFLSAWPSAVVPQGGHVTLRCHYRHRFNNFMLYKEDRIHIPIFHGRIFQESFNMSPVTTAHAGNYTCRGSHPH
SPTGWSAASNPVVIMVTGNHRKPSLLAHPGPLVKSGERVILQCWSDIMFEHFFLHKEGISKDPSRLVGQIHDGVSKANFS
IGPMMFALAGTYRCYGSVTHTPYQLSAPSDPLDIVVTGPYEKPSLSAQPGPKVQAGESVTLSCSSRSSYDMYHLSREGGA
HERRLPAVRKVNRTFQADFPLGPATHGGTYRCFGSFRHSPYEWSDPSDPLLVSVTGNPSHHHHHH
;
G
#
# COMPACT_ATOMS: atom_id res chain seq x y z
N GLY A 1 5.27 1.90 -30.71
CA GLY A 1 6.72 1.94 -30.85
C GLY A 1 7.47 2.00 -29.53
N SER A 2 7.19 3.03 -28.73
CA SER A 2 7.81 3.14 -27.43
C SER A 2 6.97 2.43 -26.40
N HIS A 3 7.60 2.03 -25.31
CA HIS A 3 6.94 1.18 -24.33
C HIS A 3 7.37 1.57 -22.93
N SER A 4 6.55 1.18 -21.96
CA SER A 4 6.87 1.47 -20.57
C SER A 4 6.45 0.30 -19.70
N MET A 5 7.11 0.18 -18.57
CA MET A 5 6.68 -0.71 -17.50
C MET A 5 6.51 0.13 -16.24
N ARG A 6 5.46 -0.14 -15.47
CA ARG A 6 5.20 0.62 -14.26
C ARG A 6 4.70 -0.33 -13.20
N TYR A 7 5.11 -0.08 -11.97
CA TYR A 7 4.47 -0.71 -10.81
C TYR A 7 3.85 0.38 -9.95
N PHE A 8 2.68 0.07 -9.38
CA PHE A 8 1.90 1.00 -8.59
C PHE A 8 1.54 0.29 -7.29
N TYR A 9 1.98 0.85 -6.16
CA TYR A 9 1.68 0.34 -4.82
C TYR A 9 0.71 1.29 -4.13
N THR A 10 -0.27 0.72 -3.42
CA THR A 10 -1.13 1.49 -2.54
C THR A 10 -1.10 0.80 -1.18
N ALA A 11 -0.78 1.56 -0.14
CA ALA A 11 -0.75 1.07 1.23
C ALA A 11 -1.72 1.90 2.03
N MET A 12 -2.69 1.25 2.67
CA MET A 12 -3.80 1.96 3.30
C MET A 12 -3.95 1.52 4.76
N SER A 13 -4.05 2.49 5.65
CA SER A 13 -4.48 2.22 7.01
C SER A 13 -5.99 2.47 7.09
N ARG A 14 -6.69 1.60 7.84
CA ARG A 14 -8.15 1.63 7.89
C ARG A 14 -8.60 1.24 9.30
N PRO A 15 -8.24 2.04 10.31
CA PRO A 15 -8.35 1.57 11.70
C PRO A 15 -9.78 1.19 12.07
N GLY A 16 -9.95 -0.04 12.53
CA GLY A 16 -11.25 -0.56 12.87
C GLY A 16 -12.04 -1.13 11.71
N ARG A 17 -11.63 -0.83 10.47
CA ARG A 17 -12.34 -1.32 9.30
C ARG A 17 -11.64 -2.48 8.62
N GLY A 18 -10.34 -2.64 8.84
CA GLY A 18 -9.59 -3.74 8.27
C GLY A 18 -8.16 -3.65 8.73
N GLU A 19 -7.40 -4.70 8.42
CA GLU A 19 -5.98 -4.65 8.70
C GLU A 19 -5.31 -3.69 7.71
N PRO A 20 -4.16 -3.12 8.06
CA PRO A 20 -3.41 -2.33 7.08
C PRO A 20 -3.25 -3.17 5.82
N ARG A 21 -3.55 -2.56 4.68
CA ARG A 21 -3.62 -3.27 3.41
C ARG A 21 -2.57 -2.73 2.44
N PHE A 22 -1.96 -3.65 1.70
CA PHE A 22 -0.99 -3.31 0.66
C PHE A 22 -1.44 -3.98 -0.64
N ILE A 23 -1.62 -3.17 -1.70
CA ILE A 23 -1.95 -3.71 -3.00
C ILE A 23 -0.98 -3.18 -4.03
N ALA A 24 -0.62 -4.02 -4.99
CA ALA A 24 0.33 -3.62 -6.01
C ALA A 24 -0.15 -4.17 -7.33
N VAL A 25 0.02 -3.38 -8.37
CA VAL A 25 -0.27 -3.83 -9.72
C VAL A 25 0.91 -3.43 -10.61
N GLY A 26 1.13 -4.24 -11.63
CA GLY A 26 2.19 -3.98 -12.61
C GLY A 26 1.56 -3.85 -13.99
N TYR A 27 2.10 -2.94 -14.80
CA TYR A 27 1.62 -2.67 -16.15
C TYR A 27 2.77 -2.70 -17.14
N VAL A 28 2.49 -3.20 -18.34
CA VAL A 28 3.28 -2.87 -19.52
C VAL A 28 2.37 -2.03 -20.40
N ASP A 29 2.78 -0.80 -20.69
CA ASP A 29 1.91 0.19 -21.32
C ASP A 29 0.57 0.23 -20.58
N ASP A 30 -0.52 0.00 -21.30
CA ASP A 30 -1.85 0.08 -20.69
C ASP A 30 -2.39 -1.28 -20.30
N THR A 31 -1.55 -2.29 -20.25
CA THR A 31 -1.98 -3.67 -19.98
C THR A 31 -1.49 -4.10 -18.60
N GLN A 32 -2.44 -4.36 -17.69
CA GLN A 32 -2.05 -4.82 -16.37
C GLN A 32 -1.66 -6.29 -16.47
N PHE A 33 -0.56 -6.67 -15.86
CA PHE A 33 -0.10 -8.04 -16.02
C PHE A 33 0.16 -8.80 -14.72
N VAL A 34 0.27 -8.13 -13.57
CA VAL A 34 0.37 -8.80 -12.27
C VAL A 34 -0.38 -8.00 -11.23
N ARG A 35 -0.74 -8.69 -10.14
CA ARG A 35 -1.34 -8.05 -8.98
C ARG A 35 -0.89 -8.75 -7.71
N PHE A 36 -0.93 -7.99 -6.61
CA PHE A 36 -0.73 -8.51 -5.26
C PHE A 36 -1.71 -7.80 -4.35
N ASP A 37 -2.37 -8.54 -3.47
CA ASP A 37 -3.28 -7.93 -2.51
C ASP A 37 -3.06 -8.61 -1.16
N SER A 38 -2.66 -7.83 -0.15
CA SER A 38 -2.45 -8.41 1.16
C SER A 38 -3.76 -8.90 1.77
N ASP A 39 -4.90 -8.43 1.27
CA ASP A 39 -6.20 -8.87 1.78
C ASP A 39 -6.68 -10.17 1.14
N ALA A 40 -6.07 -10.59 0.04
CA ALA A 40 -6.51 -11.79 -0.64
C ALA A 40 -6.37 -13.02 0.25
N ALA A 41 -7.18 -14.04 -0.06
CA ALA A 41 -7.16 -15.28 0.70
C ALA A 41 -5.76 -15.86 0.79
N SER A 42 -5.07 -15.96 -0.35
CA SER A 42 -3.70 -16.47 -0.43
CA SER A 42 -3.71 -16.48 -0.45
C SER A 42 -2.81 -15.38 -1.04
N PRO A 43 -2.28 -14.48 -0.22
CA PRO A 43 -1.51 -13.33 -0.76
C PRO A 43 -0.27 -13.79 -1.53
N ARG A 44 -0.21 -13.40 -2.79
CA ARG A 44 0.94 -13.73 -3.64
C ARG A 44 0.86 -12.86 -4.90
N MET A 45 2.01 -12.64 -5.53
CA MET A 45 1.96 -12.01 -6.84
C MET A 45 1.29 -12.96 -7.81
N ALA A 46 0.30 -12.46 -8.54
CA ALA A 46 -0.55 -13.30 -9.35
C ALA A 46 -0.67 -12.77 -10.77
N PRO A 47 -0.77 -13.65 -11.76
CA PRO A 47 -0.87 -13.21 -13.16
C PRO A 47 -2.20 -12.52 -13.44
N ARG A 48 -2.13 -11.44 -14.23
CA ARG A 48 -3.32 -10.79 -14.77
C ARG A 48 -3.27 -10.60 -16.30
N ALA A 49 -2.23 -11.08 -16.98
CA ALA A 49 -2.25 -11.14 -18.43
C ALA A 49 -1.69 -12.50 -18.82
N PRO A 50 -2.21 -13.14 -19.87
CA PRO A 50 -1.81 -14.53 -20.14
C PRO A 50 -0.32 -14.69 -20.39
N TRP A 51 0.34 -13.72 -21.01
CA TRP A 51 1.75 -13.90 -21.37
C TRP A 51 2.69 -13.91 -20.15
N ILE A 52 2.26 -13.38 -19.01
CA ILE A 52 3.15 -13.47 -17.84
C ILE A 52 3.20 -14.89 -17.29
N GLU A 53 2.24 -15.74 -17.65
CA GLU A 53 2.23 -17.10 -17.12
C GLU A 53 3.36 -17.96 -17.68
N GLN A 54 4.09 -17.51 -18.71
CA GLN A 54 5.24 -18.30 -19.08
C GLN A 54 6.41 -18.15 -18.10
N GLU A 55 6.31 -17.29 -17.10
CA GLU A 55 7.35 -17.26 -16.07
C GLU A 55 7.15 -18.40 -15.09
N GLY A 56 8.26 -18.97 -14.61
CA GLY A 56 8.24 -20.18 -13.82
C GLY A 56 8.14 -19.94 -12.33
N PRO A 57 8.14 -21.03 -11.55
CA PRO A 57 7.90 -20.89 -10.10
C PRO A 57 8.89 -19.97 -9.41
N GLU A 58 10.15 -19.96 -9.84
CA GLU A 58 11.14 -19.10 -9.20
C GLU A 58 10.78 -17.61 -9.37
N TYR A 59 10.23 -17.25 -10.53
CA TYR A 59 9.77 -15.88 -10.75
C TYR A 59 8.69 -15.50 -9.74
N TRP A 60 7.66 -16.34 -9.61
CA TRP A 60 6.55 -15.99 -8.71
C TRP A 60 6.98 -16.00 -7.25
N ASP A 61 7.87 -16.92 -6.86
CA ASP A 61 8.46 -16.88 -5.53
C ASP A 61 9.11 -15.54 -5.24
N GLY A 62 9.94 -15.07 -6.18
CA GLY A 62 10.68 -13.83 -5.95
C GLY A 62 9.80 -12.61 -5.98
N GLU A 63 8.82 -12.59 -6.90
CA GLU A 63 7.87 -11.48 -6.90
C GLU A 63 7.06 -11.44 -5.62
N THR A 64 6.64 -12.60 -5.12
CA THR A 64 5.87 -12.61 -3.90
C THR A 64 6.73 -12.16 -2.72
N ARG A 65 7.97 -12.61 -2.68
CA ARG A 65 8.89 -12.17 -1.63
C ARG A 65 9.03 -10.65 -1.64
N ASN A 66 9.22 -10.06 -2.83
CA ASN A 66 9.32 -8.61 -2.93
C ASN A 66 8.07 -7.92 -2.39
N MET A 67 6.89 -8.44 -2.74
CA MET A 67 5.67 -7.76 -2.35
C MET A 67 5.42 -7.87 -0.86
N LYS A 68 5.70 -9.04 -0.26
CA LYS A 68 5.54 -9.18 1.17
C LYS A 68 6.47 -8.25 1.93
N ALA A 69 7.71 -8.08 1.44
CA ALA A 69 8.64 -7.17 2.06
C ALA A 69 8.15 -5.73 1.97
N SER A 70 7.68 -5.32 0.79
CA SER A 70 7.20 -3.95 0.64
C SER A 70 5.95 -3.71 1.49
N ALA A 71 5.08 -4.73 1.57
CA ALA A 71 3.92 -4.61 2.45
C ALA A 71 4.33 -4.36 3.89
N GLN A 72 5.35 -5.09 4.36
CA GLN A 72 5.87 -4.91 5.71
C GLN A 72 6.46 -3.50 5.87
N THR A 73 7.22 -3.05 4.88
CA THR A 73 7.82 -1.71 4.91
C THR A 73 6.75 -0.63 4.92
N TYR A 74 5.76 -0.72 4.04
CA TYR A 74 4.84 0.41 3.93
C TYR A 74 3.80 0.42 5.05
N ARG A 75 3.46 -0.73 5.63
CA ARG A 75 2.63 -0.70 6.83
C ARG A 75 3.31 0.15 7.90
N GLU A 76 4.63 0.01 8.04
CA GLU A 76 5.33 0.77 9.07
C GLU A 76 5.52 2.22 8.67
N ASN A 77 5.69 2.49 7.36
CA ASN A 77 5.81 3.87 6.92
C ASN A 77 4.53 4.66 7.19
N LEU A 78 3.37 4.00 7.14
CA LEU A 78 2.14 4.69 7.53
C LEU A 78 2.23 5.16 8.98
N ARG A 79 2.80 4.32 9.87
CA ARG A 79 2.91 4.72 11.26
C ARG A 79 3.87 5.90 11.42
N ILE A 80 4.96 5.87 10.67
CA ILE A 80 5.95 6.95 10.72
C ILE A 80 5.34 8.25 10.23
N ALA A 81 4.55 8.18 9.16
CA ALA A 81 3.95 9.40 8.64
C ALA A 81 3.02 10.04 9.66
N LEU A 82 2.29 9.22 10.42
CA LEU A 82 1.42 9.75 11.45
C LEU A 82 2.17 10.65 12.41
N ARG A 83 3.38 10.28 12.79
CA ARG A 83 4.10 11.10 13.75
C ARG A 83 4.70 12.33 13.07
N TYR A 84 5.12 12.21 11.80
CA TYR A 84 5.63 13.37 11.09
C TYR A 84 4.58 14.48 11.02
N TYR A 85 3.33 14.09 10.81
CA TYR A 85 2.25 15.05 10.58
C TYR A 85 1.35 15.23 11.81
N ASN A 86 1.74 14.67 12.95
CA ASN A 86 0.98 14.80 14.20
C ASN A 86 -0.49 14.45 13.98
N GLN A 87 -0.72 13.32 13.33
CA GLN A 87 -2.07 12.88 13.04
C GLN A 87 -2.51 11.77 13.99
N SER A 88 -3.82 11.68 14.16
CA SER A 88 -4.41 10.72 15.09
CA SER A 88 -4.41 10.72 15.09
C SER A 88 -4.31 9.30 14.57
N GLU A 89 -4.11 8.35 15.49
CA GLU A 89 -4.11 6.94 15.12
C GLU A 89 -5.51 6.41 14.81
N ALA A 90 -6.53 7.26 14.85
CA ALA A 90 -7.89 6.84 14.51
C ALA A 90 -8.22 7.07 13.04
N GLY A 91 -7.43 7.88 12.31
CA GLY A 91 -7.74 8.24 10.95
C GLY A 91 -7.17 7.26 9.93
N SER A 92 -7.73 7.34 8.72
CA SER A 92 -7.34 6.47 7.62
CA SER A 92 -7.34 6.47 7.62
C SER A 92 -6.44 7.24 6.67
N HIS A 93 -5.34 6.62 6.26
CA HIS A 93 -4.31 7.30 5.45
C HIS A 93 -3.79 6.35 4.38
N ILE A 94 -3.15 6.93 3.37
CA ILE A 94 -2.77 6.15 2.19
C ILE A 94 -1.40 6.60 1.76
N ILE A 95 -0.49 5.64 1.52
CA ILE A 95 0.75 5.89 0.82
C ILE A 95 0.64 5.27 -0.57
N GLN A 96 1.13 5.98 -1.58
CA GLN A 96 1.16 5.42 -2.92
C GLN A 96 2.59 5.54 -3.46
N VAL A 97 2.98 4.55 -4.24
CA VAL A 97 4.31 4.46 -4.81
C VAL A 97 4.16 4.13 -6.29
N MET A 98 5.00 4.73 -7.12
CA MET A 98 5.04 4.38 -8.53
C MET A 98 6.50 4.31 -8.94
N TYR A 99 6.83 3.33 -9.77
CA TYR A 99 8.15 3.39 -10.41
C TYR A 99 8.08 2.65 -11.74
N GLY A 100 9.09 2.89 -12.58
CA GLY A 100 9.14 2.15 -13.82
C GLY A 100 10.03 2.87 -14.83
N CYS A 101 10.09 2.28 -16.01
CA CYS A 101 11.01 2.74 -17.05
C CYS A 101 10.23 2.96 -18.34
N ASP A 102 10.72 3.89 -19.15
CA ASP A 102 10.21 4.15 -20.50
C ASP A 102 11.33 3.85 -21.48
N VAL A 103 11.03 3.11 -22.55
CA VAL A 103 12.03 2.80 -23.57
C VAL A 103 11.52 3.24 -24.93
N GLY A 104 12.46 3.61 -25.79
CA GLY A 104 12.14 4.02 -27.14
C GLY A 104 12.06 2.81 -28.06
N PRO A 105 11.73 3.05 -29.33
CA PRO A 105 11.49 1.93 -30.25
C PRO A 105 12.70 1.01 -30.42
N ASP A 106 13.90 1.53 -30.22
CA ASP A 106 15.10 0.70 -30.25
C ASP A 106 15.32 -0.09 -28.97
N GLY A 107 14.49 0.11 -27.95
CA GLY A 107 14.67 -0.57 -26.69
C GLY A 107 15.55 0.15 -25.68
N ARG A 108 16.09 1.31 -26.04
CA ARG A 108 16.97 2.03 -25.13
C ARG A 108 16.17 2.84 -24.12
N LEU A 109 16.67 2.87 -22.88
CA LEU A 109 16.02 3.63 -21.81
C LEU A 109 15.92 5.12 -22.15
N LEU A 110 14.71 5.67 -22.01
CA LEU A 110 14.46 7.09 -22.20
C LEU A 110 14.25 7.85 -20.91
N ARG A 111 13.66 7.22 -19.90
CA ARG A 111 13.61 7.86 -18.59
C ARG A 111 13.14 6.84 -17.57
N GLY A 112 13.54 7.07 -16.32
CA GLY A 112 13.12 6.23 -15.22
C GLY A 112 12.33 7.09 -14.27
N HIS A 113 11.48 6.45 -13.48
CA HIS A 113 10.54 7.14 -12.61
C HIS A 113 10.54 6.46 -11.26
N ASN A 114 10.45 7.24 -10.20
CA ASN A 114 10.06 6.69 -8.89
C ASN A 114 9.48 7.83 -8.08
N GLN A 115 8.18 7.75 -7.76
CA GLN A 115 7.50 8.83 -7.05
C GLN A 115 6.71 8.24 -5.91
N TYR A 116 6.51 9.05 -4.87
CA TYR A 116 5.81 8.67 -3.65
C TYR A 116 4.81 9.75 -3.28
N ALA A 117 3.67 9.32 -2.72
CA ALA A 117 2.64 10.24 -2.28
C ALA A 117 2.14 9.84 -0.91
N TYR A 118 1.69 10.83 -0.15
CA TYR A 118 0.99 10.59 1.11
C TYR A 118 -0.35 11.31 1.06
N ASP A 119 -1.43 10.55 1.30
CA ASP A 119 -2.79 11.08 1.22
C ASP A 119 -3.05 11.84 -0.08
N GLY A 120 -2.57 11.29 -1.19
CA GLY A 120 -2.88 11.82 -2.51
C GLY A 120 -2.09 13.03 -2.95
N LYS A 121 -1.07 13.42 -2.19
CA LYS A 121 -0.23 14.58 -2.47
C LYS A 121 1.22 14.12 -2.61
N ASP A 122 1.95 14.73 -3.56
CA ASP A 122 3.36 14.40 -3.71
C ASP A 122 4.07 14.44 -2.38
N TYR A 123 4.91 13.45 -2.12
CA TYR A 123 5.74 13.41 -0.94
C TYR A 123 7.21 13.56 -1.30
N ILE A 124 7.75 12.61 -2.07
CA ILE A 124 9.13 12.69 -2.53
C ILE A 124 9.21 12.00 -3.88
N ALA A 125 10.14 12.46 -4.73
CA ALA A 125 10.26 11.88 -6.06
C ALA A 125 11.73 11.79 -6.44
N LEU A 126 12.08 10.72 -7.15
CA LEU A 126 13.42 10.63 -7.71
C LEU A 126 13.50 11.56 -8.90
N ASN A 127 14.58 12.35 -8.99
CA ASN A 127 14.70 13.26 -10.11
C ASN A 127 15.11 12.49 -11.37
N GLU A 128 14.98 13.16 -12.51
CA GLU A 128 15.24 12.51 -13.79
C GLU A 128 16.68 12.03 -13.92
N ASP A 129 17.62 12.64 -13.18
CA ASP A 129 18.99 12.16 -13.19
C ASP A 129 19.16 10.81 -12.47
N LEU A 130 18.12 10.32 -11.78
CA LEU A 130 18.15 9.03 -11.10
C LEU A 130 19.21 9.01 -10.00
N SER A 131 19.54 10.18 -9.47
CA SER A 131 20.57 10.26 -8.45
CA SER A 131 20.60 10.30 -8.47
C SER A 131 20.28 11.27 -7.35
N SER A 132 19.18 12.00 -7.42
CA SER A 132 18.83 13.01 -6.43
C SER A 132 17.32 13.01 -6.23
N TRP A 133 16.87 13.60 -5.12
CA TRP A 133 15.48 13.61 -4.72
C TRP A 133 14.92 15.02 -4.68
N THR A 134 13.60 15.13 -4.92
CA THR A 134 12.84 16.34 -4.67
C THR A 134 11.82 16.05 -3.59
N ALA A 135 11.93 16.74 -2.46
CA ALA A 135 11.04 16.53 -1.33
C ALA A 135 9.99 17.64 -1.32
N ALA A 136 8.75 17.28 -1.05
CA ALA A 136 7.67 18.26 -1.18
C ALA A 136 7.44 19.06 0.09
N ASP A 137 7.87 18.58 1.26
CA ASP A 137 7.63 19.32 2.50
C ASP A 137 8.68 18.94 3.52
N THR A 138 8.58 19.54 4.71
CA THR A 138 9.62 19.34 5.71
C THR A 138 9.71 17.88 6.15
N ALA A 139 8.59 17.15 6.19
CA ALA A 139 8.64 15.75 6.58
C ALA A 139 9.41 14.93 5.56
N ALA A 140 9.12 15.13 4.28
CA ALA A 140 9.84 14.41 3.24
C ALA A 140 11.32 14.79 3.17
N GLN A 141 11.69 15.96 3.72
CA GLN A 141 13.11 16.33 3.80
C GLN A 141 13.86 15.45 4.80
N ILE A 142 13.17 14.99 5.85
CA ILE A 142 13.74 13.97 6.72
C ILE A 142 13.96 12.66 5.94
N THR A 143 12.89 12.18 5.30
CA THR A 143 12.99 10.99 4.46
C THR A 143 14.14 11.11 3.45
N GLN A 144 14.24 12.27 2.78
CA GLN A 144 15.34 12.48 1.83
C GLN A 144 16.70 12.27 2.48
N ARG A 145 16.88 12.81 3.69
CA ARG A 145 18.16 12.66 4.36
C ARG A 145 18.47 11.19 4.65
N LYS A 146 17.46 10.43 5.09
N LYS A 146 17.45 10.43 5.06
CA LYS A 146 17.66 9.01 5.33
CA LYS A 146 17.64 9.01 5.34
C LYS A 146 17.99 8.27 4.03
C LYS A 146 17.92 8.22 4.06
N TRP A 147 17.27 8.58 2.96
CA TRP A 147 17.49 7.82 1.73
C TRP A 147 18.81 8.17 1.08
N GLU A 148 19.30 9.39 1.30
CA GLU A 148 20.64 9.73 0.86
C GLU A 148 21.68 8.89 1.62
N ALA A 149 21.54 8.82 2.94
CA ALA A 149 22.46 8.00 3.73
C ALA A 149 22.41 6.52 3.32
N ALA A 150 21.26 6.02 2.90
CA ALA A 150 21.14 4.61 2.52
C ALA A 150 21.39 4.37 1.03
N ARG A 151 21.73 5.41 0.27
CA ARG A 151 22.04 5.30 -1.16
C ARG A 151 20.91 4.66 -1.94
N VAL A 152 19.67 5.03 -1.59
CA VAL A 152 18.49 4.48 -2.25
C VAL A 152 18.49 4.80 -3.74
N ALA A 153 18.82 6.04 -4.09
CA ALA A 153 18.84 6.44 -5.50
C ALA A 153 19.74 5.53 -6.33
N GLU A 154 20.92 5.17 -5.82
CA GLU A 154 21.79 4.26 -6.56
C GLU A 154 21.13 2.93 -6.85
N GLN A 155 20.33 2.42 -5.91
CA GLN A 155 19.66 1.15 -6.12
C GLN A 155 18.50 1.31 -7.10
N LEU A 156 17.76 2.42 -7.00
CA LEU A 156 16.73 2.69 -8.01
C LEU A 156 17.34 2.81 -9.39
N ARG A 157 18.41 3.59 -9.53
CA ARG A 157 19.04 3.73 -10.84
C ARG A 157 19.50 2.37 -11.36
N ALA A 158 20.08 1.54 -10.50
CA ALA A 158 20.57 0.24 -10.94
C ALA A 158 19.43 -0.60 -11.52
N TYR A 159 18.29 -0.60 -10.84
CA TYR A 159 17.11 -1.30 -11.33
C TYR A 159 16.60 -0.68 -12.63
N LEU A 160 16.40 0.64 -12.62
CA LEU A 160 15.72 1.28 -13.74
C LEU A 160 16.53 1.15 -15.01
N GLU A 161 17.85 1.19 -14.91
CA GLU A 161 18.70 1.06 -16.09
C GLU A 161 19.03 -0.38 -16.43
N GLY A 162 18.75 -1.34 -15.54
CA GLY A 162 19.10 -2.72 -15.79
C GLY A 162 17.86 -3.60 -15.89
N LEU A 163 17.47 -4.20 -14.76
CA LEU A 163 16.43 -5.23 -14.78
C LEU A 163 15.09 -4.67 -15.26
N CYS A 164 14.81 -3.39 -15.00
CA CYS A 164 13.55 -2.83 -15.48
C CYS A 164 13.47 -2.92 -16.99
N VAL A 165 14.51 -2.45 -17.67
CA VAL A 165 14.52 -2.44 -19.14
C VAL A 165 14.59 -3.87 -19.69
N GLU A 166 15.37 -4.72 -19.04
CA GLU A 166 15.56 -6.09 -19.52
C GLU A 166 14.28 -6.88 -19.42
N TRP A 167 13.57 -6.74 -18.30
CA TRP A 167 12.29 -7.42 -18.17
C TRP A 167 11.25 -6.85 -19.11
N LEU A 168 11.20 -5.52 -19.25
CA LEU A 168 10.24 -4.94 -20.19
C LEU A 168 10.46 -5.47 -21.60
N ARG A 169 11.73 -5.50 -22.04
CA ARG A 169 12.04 -6.09 -23.34
C ARG A 169 11.55 -7.53 -23.44
N ARG A 170 11.70 -8.30 -22.37
CA ARG A 170 11.29 -9.69 -22.34
C ARG A 170 9.78 -9.84 -22.49
N TYR A 171 9.03 -9.07 -21.68
CA TYR A 171 7.58 -9.11 -21.75
C TYR A 171 7.09 -8.71 -23.13
N LEU A 172 7.73 -7.70 -23.74
CA LEU A 172 7.29 -7.23 -25.04
C LEU A 172 7.41 -8.33 -26.09
N GLU A 173 8.41 -9.20 -25.95
CA GLU A 173 8.53 -10.32 -26.87
C GLU A 173 7.56 -11.44 -26.52
N ASN A 174 7.35 -11.69 -25.23
CA ASN A 174 6.46 -12.77 -24.82
C ASN A 174 5.00 -12.47 -25.13
N GLY A 175 4.62 -11.20 -25.12
CA GLY A 175 3.26 -10.81 -25.44
C GLY A 175 3.17 -9.97 -26.70
N LYS A 176 4.08 -10.21 -27.65
CA LYS A 176 4.22 -9.33 -28.80
C LYS A 176 2.90 -9.12 -29.55
N GLU A 177 2.11 -10.19 -29.71
CA GLU A 177 0.95 -10.08 -30.59
C GLU A 177 -0.16 -9.22 -30.00
N THR A 178 -0.10 -8.92 -28.70
CA THR A 178 -1.02 -7.97 -28.09
C THR A 178 -0.34 -6.70 -27.61
N LEU A 179 0.91 -6.78 -27.16
CA LEU A 179 1.57 -5.59 -26.64
C LEU A 179 2.17 -4.72 -27.74
N GLN A 180 2.58 -5.31 -28.85
CA GLN A 180 3.28 -4.57 -29.90
C GLN A 180 2.47 -4.44 -31.19
N ARG A 181 1.20 -4.81 -31.19
CA ARG A 181 0.37 -4.67 -32.38
C ARG A 181 -0.73 -3.69 -32.03
N ALA A 182 -0.72 -2.51 -32.65
CA ALA A 182 -1.74 -1.52 -32.33
C ALA A 182 -3.08 -1.95 -32.90
N ASP A 183 -4.13 -1.87 -32.08
CA ASP A 183 -5.50 -2.05 -32.53
C ASP A 183 -6.06 -0.68 -32.90
N PRO A 184 -6.29 -0.39 -34.19
CA PRO A 184 -6.79 0.93 -34.54
C PRO A 184 -8.22 1.11 -34.08
N PRO A 185 -8.66 2.33 -33.83
CA PRO A 185 -10.06 2.55 -33.43
C PRO A 185 -11.02 2.31 -34.58
N LYS A 186 -12.20 1.79 -34.25
CA LYS A 186 -13.35 1.84 -35.15
C LYS A 186 -14.11 3.13 -34.86
N THR A 187 -14.43 3.88 -35.90
CA THR A 187 -14.95 5.22 -35.70
C THR A 187 -16.29 5.41 -36.42
N HIS A 188 -17.16 6.20 -35.79
CA HIS A 188 -18.40 6.62 -36.42
C HIS A 188 -18.90 7.87 -35.71
N VAL A 189 -19.81 8.59 -36.38
CA VAL A 189 -20.37 9.83 -35.85
C VAL A 189 -21.86 9.65 -35.66
N THR A 190 -22.37 10.04 -34.50
CA THR A 190 -23.79 10.01 -34.22
C THR A 190 -24.33 11.43 -34.08
N HIS A 191 -25.63 11.56 -34.28
CA HIS A 191 -26.33 12.83 -34.26
C HIS A 191 -27.55 12.67 -33.35
N HIS A 192 -27.75 13.64 -32.46
CA HIS A 192 -28.93 13.60 -31.62
C HIS A 192 -29.43 15.01 -31.39
N PRO A 193 -30.70 15.28 -31.70
CA PRO A 193 -31.25 16.62 -31.50
C PRO A 193 -31.24 16.98 -30.03
N ILE A 194 -31.01 18.26 -29.76
CA ILE A 194 -31.26 18.81 -28.43
C ILE A 194 -32.44 19.76 -28.43
N SER A 195 -32.86 20.24 -29.59
CA SER A 195 -34.04 21.08 -29.78
C SER A 195 -34.28 21.15 -31.29
N ASP A 196 -35.25 21.97 -31.70
CA ASP A 196 -35.45 22.19 -33.13
C ASP A 196 -34.38 23.07 -33.75
N HIS A 197 -33.42 23.56 -32.96
CA HIS A 197 -32.43 24.52 -33.43
C HIS A 197 -31.00 24.10 -33.18
N GLU A 198 -30.75 23.04 -32.42
CA GLU A 198 -29.39 22.60 -32.16
C GLU A 198 -29.37 21.09 -32.03
N ALA A 199 -28.20 20.51 -32.28
CA ALA A 199 -28.03 19.08 -32.12
C ALA A 199 -26.60 18.79 -31.69
N THR A 200 -26.42 17.58 -31.18
CA THR A 200 -25.12 17.09 -30.78
C THR A 200 -24.57 16.18 -31.87
N LEU A 201 -23.36 16.48 -32.33
CA LEU A 201 -22.57 15.54 -33.10
C LEU A 201 -21.58 14.87 -32.15
N ARG A 202 -21.55 13.54 -32.17
CA ARG A 202 -20.65 12.81 -31.28
C ARG A 202 -19.80 11.87 -32.11
N CYS A 203 -18.48 12.05 -32.03
CA CYS A 203 -17.51 11.23 -32.72
C CYS A 203 -17.01 10.13 -31.78
N TRP A 204 -17.08 8.88 -32.23
CA TRP A 204 -16.76 7.73 -31.41
C TRP A 204 -15.50 7.06 -31.91
N ALA A 205 -14.66 6.61 -30.96
CA ALA A 205 -13.52 5.74 -31.24
C ALA A 205 -13.63 4.56 -30.29
N LEU A 206 -13.65 3.35 -30.85
CA LEU A 206 -13.96 2.15 -30.08
C LEU A 206 -12.96 1.06 -30.42
N GLY A 207 -12.65 0.24 -29.42
CA GLY A 207 -11.82 -0.94 -29.63
C GLY A 207 -10.37 -0.68 -29.98
N PHE A 208 -9.76 0.37 -29.44
CA PHE A 208 -8.39 0.69 -29.81
C PHE A 208 -7.43 0.35 -28.68
N TYR A 209 -6.19 0.11 -29.08
CA TYR A 209 -5.09 -0.18 -28.17
C TYR A 209 -3.82 0.25 -28.89
N PRO A 210 -2.92 0.96 -28.22
CA PRO A 210 -2.99 1.38 -26.82
C PRO A 210 -3.97 2.53 -26.56
N ALA A 211 -4.01 3.02 -25.31
CA ALA A 211 -5.07 3.93 -24.90
C ALA A 211 -4.88 5.35 -25.43
N GLU A 212 -3.66 5.76 -25.78
CA GLU A 212 -3.45 7.14 -26.24
C GLU A 212 -4.11 7.37 -27.60
N ILE A 213 -4.84 8.49 -27.71
CA ILE A 213 -5.59 8.83 -28.92
C ILE A 213 -5.85 10.33 -28.91
N THR A 214 -5.96 10.92 -30.10
CA THR A 214 -6.41 12.29 -30.20
C THR A 214 -7.69 12.32 -31.03
N LEU A 215 -8.71 12.94 -30.47
CA LEU A 215 -10.07 12.97 -31.02
C LEU A 215 -10.55 14.41 -30.92
N THR A 216 -10.70 15.08 -32.06
CA THR A 216 -11.04 16.49 -32.06
C THR A 216 -12.10 16.77 -33.11
N TRP A 217 -12.82 17.87 -32.90
CA TRP A 217 -13.78 18.39 -33.86
C TRP A 217 -13.23 19.67 -34.48
N GLN A 218 -13.41 19.80 -35.80
CA GLN A 218 -13.12 21.03 -36.51
C GLN A 218 -14.40 21.59 -37.10
N ARG A 219 -14.45 22.90 -37.23
CA ARG A 219 -15.54 23.61 -37.91
C ARG A 219 -14.93 24.44 -39.01
N ASP A 220 -15.28 24.14 -40.25
CA ASP A 220 -14.70 24.79 -41.43
C ASP A 220 -13.18 24.71 -41.44
N GLY A 221 -12.61 23.72 -40.74
CA GLY A 221 -11.18 23.51 -40.69
C GLY A 221 -10.52 23.91 -39.39
N GLU A 222 -11.10 24.83 -38.63
CA GLU A 222 -10.49 25.25 -37.38
C GLU A 222 -11.01 24.41 -36.22
N ASP A 223 -10.12 24.11 -35.28
CA ASP A 223 -10.45 23.23 -34.16
C ASP A 223 -11.35 23.92 -33.15
N GLN A 224 -12.39 23.21 -32.72
CA GLN A 224 -13.35 23.70 -31.72
C GLN A 224 -12.96 23.29 -30.30
N THR A 225 -11.69 23.43 -29.92
CA THR A 225 -11.25 22.94 -28.62
C THR A 225 -12.05 23.55 -27.47
N GLN A 226 -12.57 24.76 -27.66
CA GLN A 226 -13.36 25.42 -26.61
C GLN A 226 -14.76 24.84 -26.51
N ASP A 227 -15.37 24.42 -27.62
CA ASP A 227 -16.74 23.96 -27.61
C ASP A 227 -16.86 22.43 -27.70
N THR A 228 -15.76 21.71 -27.49
CA THR A 228 -15.75 20.26 -27.56
C THR A 228 -15.87 19.66 -26.17
N GLU A 229 -16.79 18.71 -25.99
CA GLU A 229 -16.85 17.89 -24.80
C GLU A 229 -16.13 16.58 -25.06
N LEU A 230 -15.06 16.33 -24.30
CA LEU A 230 -14.29 15.09 -24.38
C LEU A 230 -14.52 14.28 -23.11
N VAL A 231 -14.90 12.99 -23.25
CA VAL A 231 -14.90 12.13 -22.08
C VAL A 231 -13.51 11.58 -21.88
N GLU A 232 -13.20 11.24 -20.63
CA GLU A 232 -11.97 10.51 -20.34
C GLU A 232 -12.00 9.17 -21.08
N THR A 233 -10.87 8.84 -21.70
CA THR A 233 -10.69 7.51 -22.28
C THR A 233 -11.00 6.44 -21.24
N ARG A 234 -11.75 5.43 -21.66
CA ARG A 234 -12.30 4.45 -20.74
C ARG A 234 -12.03 3.03 -21.23
N PRO A 235 -11.82 2.09 -20.31
CA PRO A 235 -11.54 0.71 -20.70
C PRO A 235 -12.79 -0.04 -21.12
N ALA A 236 -12.67 -0.77 -22.24
CA ALA A 236 -13.77 -1.59 -22.70
C ALA A 236 -13.96 -2.84 -21.86
N GLY A 237 -12.92 -3.31 -21.18
CA GLY A 237 -12.98 -4.52 -20.41
C GLY A 237 -12.28 -5.70 -21.06
N ASP A 238 -11.89 -5.57 -22.32
CA ASP A 238 -11.26 -6.62 -23.10
C ASP A 238 -9.85 -6.23 -23.53
N ARG A 239 -9.23 -5.31 -22.80
CA ARG A 239 -7.90 -4.75 -23.05
C ARG A 239 -7.91 -3.70 -24.16
N THR A 240 -9.07 -3.28 -24.66
CA THR A 240 -9.12 -2.13 -25.57
C THR A 240 -9.75 -0.95 -24.86
N PHE A 241 -9.83 0.17 -25.57
CA PHE A 241 -10.30 1.42 -24.99
C PHE A 241 -11.35 2.09 -25.87
N GLN A 242 -12.01 3.08 -25.29
CA GLN A 242 -13.07 3.82 -25.97
C GLN A 242 -12.96 5.29 -25.61
N LYS A 243 -13.46 6.13 -26.50
CA LYS A 243 -13.51 7.56 -26.21
C LYS A 243 -14.52 8.17 -27.15
N TRP A 244 -15.12 9.27 -26.73
CA TRP A 244 -15.90 10.07 -27.68
C TRP A 244 -15.69 11.55 -27.41
N ALA A 245 -15.99 12.34 -28.44
CA ALA A 245 -15.95 13.80 -28.38
C ALA A 245 -17.21 14.33 -29.01
N ALA A 246 -17.83 15.34 -28.40
CA ALA A 246 -19.08 15.86 -28.90
C ALA A 246 -19.06 17.38 -28.99
N VAL A 247 -19.77 17.90 -29.99
CA VAL A 247 -19.92 19.32 -30.19
C VAL A 247 -21.41 19.60 -30.40
N VAL A 248 -21.86 20.76 -29.94
CA VAL A 248 -23.24 21.19 -30.12
C VAL A 248 -23.27 22.12 -31.34
N VAL A 249 -24.09 21.77 -32.32
CA VAL A 249 -24.03 22.46 -33.60
C VAL A 249 -25.40 23.05 -33.93
N PRO A 250 -25.45 24.21 -34.55
CA PRO A 250 -26.72 24.78 -34.98
C PRO A 250 -27.38 23.93 -36.06
N SER A 251 -28.71 23.89 -36.02
CA SER A 251 -29.48 23.16 -37.01
C SER A 251 -29.00 23.46 -38.41
N GLY A 252 -28.80 22.41 -39.20
CA GLY A 252 -28.47 22.57 -40.60
C GLY A 252 -27.03 22.93 -40.91
N GLU A 253 -26.17 23.04 -39.89
CA GLU A 253 -24.77 23.36 -40.11
C GLU A 253 -23.87 22.14 -39.96
N GLU A 254 -24.44 20.94 -39.95
CA GLU A 254 -23.66 19.74 -39.65
C GLU A 254 -22.51 19.55 -40.63
N GLN A 255 -22.71 19.91 -41.90
CA GLN A 255 -21.69 19.70 -42.91
C GLN A 255 -20.44 20.53 -42.67
N ARG A 256 -20.50 21.53 -41.79
CA ARG A 256 -19.32 22.33 -41.49
C ARG A 256 -18.36 21.61 -40.55
N TYR A 257 -18.81 20.56 -39.87
CA TYR A 257 -18.04 19.93 -38.81
C TYR A 257 -17.41 18.64 -39.28
N THR A 258 -16.16 18.43 -38.87
CA THR A 258 -15.46 17.19 -39.17
C THR A 258 -14.77 16.69 -37.90
N CYS A 259 -14.81 15.38 -37.69
CA CYS A 259 -14.13 14.75 -36.58
C CYS A 259 -12.77 14.21 -37.06
N HIS A 260 -11.75 14.36 -36.22
CA HIS A 260 -10.38 14.02 -36.61
C HIS A 260 -9.78 13.07 -35.58
N VAL A 261 -9.16 12.01 -36.06
CA VAL A 261 -8.64 10.94 -35.21
C VAL A 261 -7.19 10.67 -35.57
N GLN A 262 -6.35 10.55 -34.55
CA GLN A 262 -4.98 10.08 -34.75
C GLN A 262 -4.72 9.01 -33.70
N HIS A 263 -4.10 7.91 -34.15
CA HIS A 263 -3.84 6.78 -33.27
C HIS A 263 -2.70 5.98 -33.85
N GLU A 264 -1.94 5.33 -32.97
CA GLU A 264 -0.79 4.56 -33.41
C GLU A 264 -1.15 3.55 -34.51
N GLY A 265 -2.34 2.95 -34.43
CA GLY A 265 -2.75 1.99 -35.43
C GLY A 265 -3.25 2.58 -36.73
N LEU A 266 -3.39 3.91 -36.80
CA LEU A 266 -3.88 4.57 -37.99
C LEU A 266 -2.71 5.09 -38.80
N PRO A 267 -2.39 4.51 -39.96
CA PRO A 267 -1.20 4.96 -40.70
C PRO A 267 -1.29 6.40 -41.20
N LYS A 268 -2.48 6.95 -41.40
CA LYS A 268 -2.65 8.35 -41.67
C LYS A 268 -3.73 8.89 -40.74
N PRO A 269 -3.69 10.17 -40.38
CA PRO A 269 -4.78 10.73 -39.58
C PRO A 269 -6.10 10.56 -40.29
N LEU A 270 -7.18 10.50 -39.51
CA LEU A 270 -8.51 10.21 -40.03
C LEU A 270 -9.39 11.44 -39.95
N THR A 271 -10.22 11.62 -40.98
CA THR A 271 -11.27 12.65 -41.00
C THR A 271 -12.62 11.97 -41.17
N LEU A 272 -13.58 12.33 -40.31
CA LEU A 272 -14.94 11.82 -40.35
C LEU A 272 -15.92 12.97 -40.38
N ARG A 273 -17.01 12.80 -41.12
CA ARG A 273 -18.13 13.71 -41.01
C ARG A 273 -19.41 12.90 -40.83
N TRP A 274 -20.48 13.60 -40.47
CA TRP A 274 -21.77 12.94 -40.32
C TRP A 274 -22.64 13.21 -41.53
N GLU A 275 -23.33 12.18 -41.99
CA GLU A 275 -24.35 12.30 -43.03
C GLU A 275 -25.56 11.49 -42.62
N PRO A 276 -26.78 12.02 -42.83
CA PRO A 276 -27.98 11.27 -42.43
C PRO A 276 -28.20 10.00 -43.25
N MET B 1 -8.21 15.65 4.58
CA MET B 1 -7.22 16.14 3.60
C MET B 1 -7.88 16.44 2.26
N ILE B 2 -7.19 16.14 1.17
CA ILE B 2 -7.67 16.41 -0.18
C ILE B 2 -8.47 15.19 -0.63
N GLN B 3 -9.79 15.30 -0.60
CA GLN B 3 -10.66 14.25 -1.06
C GLN B 3 -11.23 14.63 -2.42
N ARG B 4 -11.26 13.66 -3.34
CA ARG B 4 -11.72 13.87 -4.70
C ARG B 4 -12.88 12.95 -5.01
N THR B 5 -13.95 13.52 -5.57
CA THR B 5 -15.14 12.72 -5.81
C THR B 5 -15.01 11.96 -7.14
N PRO B 6 -15.59 10.77 -7.25
CA PRO B 6 -15.38 9.97 -8.47
C PRO B 6 -16.11 10.54 -9.67
N LYS B 7 -15.44 10.45 -10.81
CA LYS B 7 -16.11 10.56 -12.10
C LYS B 7 -16.68 9.20 -12.45
N ILE B 8 -17.79 9.19 -13.16
CA ILE B 8 -18.52 7.96 -13.44
C ILE B 8 -18.93 7.92 -14.91
N GLN B 9 -18.64 6.81 -15.57
CA GLN B 9 -19.17 6.52 -16.90
C GLN B 9 -19.78 5.13 -16.91
N VAL B 10 -20.99 5.02 -17.46
CA VAL B 10 -21.65 3.74 -17.64
C VAL B 10 -21.80 3.51 -19.14
N TYR B 11 -21.50 2.31 -19.61
CA TYR B 11 -21.42 2.06 -21.04
C TYR B 11 -21.26 0.57 -21.26
N SER B 12 -21.47 0.14 -22.50
CA SER B 12 -21.33 -1.26 -22.87
C SER B 12 -19.96 -1.51 -23.50
N ARG B 13 -19.50 -2.76 -23.40
CA ARG B 13 -18.25 -3.13 -24.05
C ARG B 13 -18.37 -3.00 -25.56
N HIS B 14 -19.47 -3.48 -26.11
CA HIS B 14 -19.72 -3.39 -27.55
C HIS B 14 -20.97 -2.56 -27.79
N PRO B 15 -21.13 -2.02 -29.00
CA PRO B 15 -22.40 -1.39 -29.37
C PRO B 15 -23.58 -2.28 -29.01
N ALA B 16 -24.60 -1.67 -28.40
CA ALA B 16 -25.70 -2.42 -27.82
C ALA B 16 -26.73 -2.79 -28.88
N GLU B 17 -27.08 -4.07 -28.94
CA GLU B 17 -28.15 -4.58 -29.77
C GLU B 17 -29.07 -5.42 -28.90
N ASN B 18 -30.37 -5.11 -28.93
CA ASN B 18 -31.32 -5.79 -28.05
C ASN B 18 -31.36 -7.28 -28.34
N GLY B 19 -31.25 -8.08 -27.27
CA GLY B 19 -31.23 -9.52 -27.39
C GLY B 19 -29.86 -10.14 -27.58
N LYS B 20 -28.81 -9.33 -27.70
CA LYS B 20 -27.45 -9.81 -27.96
C LYS B 20 -26.59 -9.59 -26.71
N SER B 21 -25.95 -10.67 -26.25
CA SER B 21 -25.21 -10.61 -25.00
C SER B 21 -24.01 -9.67 -25.12
N ASN B 22 -23.67 -9.05 -24.00
CA ASN B 22 -22.78 -7.90 -23.97
C ASN B 22 -22.21 -7.80 -22.56
N PHE B 23 -21.44 -6.75 -22.31
CA PHE B 23 -20.99 -6.44 -20.97
C PHE B 23 -21.40 -5.03 -20.61
N LEU B 24 -21.89 -4.85 -19.38
CA LEU B 24 -22.23 -3.55 -18.85
C LEU B 24 -21.08 -3.10 -17.95
N ASN B 25 -20.57 -1.91 -18.21
CA ASN B 25 -19.38 -1.37 -17.57
C ASN B 25 -19.74 -0.14 -16.74
N CYS B 26 -19.13 -0.02 -15.57
CA CYS B 26 -19.15 1.23 -14.82
C CYS B 26 -17.70 1.57 -14.48
N TYR B 27 -17.18 2.62 -15.11
CA TYR B 27 -15.81 3.07 -14.92
C TYR B 27 -15.83 4.23 -13.95
N VAL B 28 -15.20 4.05 -12.80
CA VAL B 28 -15.06 5.11 -11.81
C VAL B 28 -13.59 5.51 -11.73
N SER B 29 -13.34 6.82 -11.73
CA SER B 29 -11.97 7.31 -11.80
C SER B 29 -11.87 8.68 -11.13
N GLY B 30 -10.64 9.12 -10.90
CA GLY B 30 -10.42 10.44 -10.34
C GLY B 30 -10.75 10.61 -8.88
N PHE B 31 -10.88 9.52 -8.12
CA PHE B 31 -11.32 9.68 -6.75
C PHE B 31 -10.19 9.44 -5.76
N HIS B 32 -10.37 9.99 -4.56
CA HIS B 32 -9.43 9.80 -3.46
C HIS B 32 -10.19 10.15 -2.18
N PRO B 33 -10.14 9.30 -1.14
CA PRO B 33 -9.39 8.05 -0.99
C PRO B 33 -9.98 6.88 -1.77
N SER B 34 -9.44 5.69 -1.57
CA SER B 34 -9.66 4.59 -2.50
C SER B 34 -10.93 3.80 -2.20
N ASP B 35 -11.42 3.83 -0.97
CA ASP B 35 -12.62 3.08 -0.64
C ASP B 35 -13.80 3.60 -1.45
N ILE B 36 -14.49 2.68 -2.11
CA ILE B 36 -15.62 3.05 -2.94
C ILE B 36 -16.55 1.85 -3.05
N GLU B 37 -17.85 2.13 -3.23
CA GLU B 37 -18.88 1.11 -3.41
C GLU B 37 -19.48 1.34 -4.79
N VAL B 38 -19.42 0.32 -5.65
CA VAL B 38 -19.99 0.40 -6.98
C VAL B 38 -20.90 -0.78 -7.22
N ASP B 39 -22.13 -0.51 -7.64
CA ASP B 39 -23.07 -1.56 -8.04
C ASP B 39 -23.63 -1.23 -9.41
N LEU B 40 -23.87 -2.26 -10.22
CA LEU B 40 -24.57 -2.13 -11.48
C LEU B 40 -26.03 -2.51 -11.25
N LEU B 41 -26.95 -1.71 -11.77
CA LEU B 41 -28.37 -1.85 -11.47
C LEU B 41 -29.16 -2.20 -12.72
N LYS B 42 -30.23 -2.95 -12.51
CA LYS B 42 -31.20 -3.26 -13.55
C LYS B 42 -32.56 -2.88 -12.99
N ASN B 43 -33.15 -1.81 -13.51
CA ASN B 43 -34.41 -1.26 -13.00
C ASN B 43 -34.30 -0.95 -11.51
N GLY B 44 -33.17 -0.38 -11.11
CA GLY B 44 -32.94 0.00 -9.74
C GLY B 44 -32.42 -1.10 -8.84
N GLU B 45 -32.43 -2.36 -9.28
CA GLU B 45 -32.06 -3.49 -8.45
C GLU B 45 -30.61 -3.91 -8.71
N ARG B 46 -29.87 -4.17 -7.62
CA ARG B 46 -28.47 -4.56 -7.73
C ARG B 46 -28.33 -5.87 -8.50
N ILE B 47 -27.46 -5.86 -9.51
CA ILE B 47 -27.13 -7.06 -10.28
C ILE B 47 -26.05 -7.84 -9.54
N GLU B 48 -26.24 -9.15 -9.42
CA GLU B 48 -25.23 -9.97 -8.77
C GLU B 48 -24.09 -10.29 -9.75
N LYS B 49 -23.03 -10.91 -9.22
CA LYS B 49 -21.94 -11.44 -10.03
C LYS B 49 -21.19 -10.35 -10.78
N VAL B 50 -21.18 -9.13 -10.23
CA VAL B 50 -20.38 -8.05 -10.83
C VAL B 50 -18.93 -8.22 -10.41
N GLU B 51 -18.02 -8.11 -11.36
CA GLU B 51 -16.59 -8.17 -11.11
C GLU B 51 -15.97 -6.78 -11.25
N HIS B 52 -14.74 -6.64 -10.77
CA HIS B 52 -14.08 -5.36 -10.93
C HIS B 52 -12.59 -5.57 -11.11
N SER B 53 -11.96 -4.57 -11.74
CA SER B 53 -10.53 -4.62 -11.96
C SER B 53 -9.79 -4.33 -10.66
N ASP B 54 -8.47 -4.54 -10.70
CA ASP B 54 -7.63 -4.30 -9.53
C ASP B 54 -7.38 -2.80 -9.36
N LEU B 55 -7.33 -2.36 -8.11
CA LEU B 55 -7.15 -0.94 -7.82
C LEU B 55 -5.83 -0.42 -8.38
N SER B 56 -5.92 0.65 -9.15
CA SER B 56 -4.75 1.32 -9.68
CA SER B 56 -4.78 1.32 -9.74
C SER B 56 -4.98 2.82 -9.61
N PHE B 57 -4.00 3.60 -10.04
CA PHE B 57 -4.18 5.04 -9.96
C PHE B 57 -3.45 5.72 -11.10
N SER B 58 -3.85 6.97 -11.32
CA SER B 58 -3.36 7.80 -12.40
C SER B 58 -2.19 8.65 -11.92
N LYS B 59 -1.58 9.38 -12.86
CA LYS B 59 -0.41 10.19 -12.57
C LYS B 59 -0.66 11.21 -11.45
N ASP B 60 -1.89 11.73 -11.35
CA ASP B 60 -2.23 12.70 -10.31
C ASP B 60 -2.59 12.03 -8.98
N TRP B 61 -2.37 10.73 -8.85
CA TRP B 61 -2.56 9.88 -7.67
C TRP B 61 -4.02 9.49 -7.46
N SER B 62 -4.95 9.97 -8.28
CA SER B 62 -6.33 9.56 -8.09
C SER B 62 -6.54 8.14 -8.59
N PHE B 63 -7.50 7.45 -7.98
CA PHE B 63 -7.73 6.03 -8.21
C PHE B 63 -8.73 5.80 -9.34
N TYR B 64 -8.67 4.61 -9.94
CA TYR B 64 -9.66 4.21 -10.93
C TYR B 64 -9.90 2.71 -10.87
N LEU B 65 -11.12 2.32 -11.26
CA LEU B 65 -11.59 0.94 -11.20
C LEU B 65 -12.62 0.76 -12.30
N LEU B 66 -12.67 -0.44 -12.86
CA LEU B 66 -13.74 -0.83 -13.77
C LEU B 66 -14.58 -1.92 -13.14
N TYR B 67 -15.88 -1.68 -13.05
CA TYR B 67 -16.85 -2.71 -12.65
C TYR B 67 -17.61 -3.17 -13.88
N TYR B 68 -17.84 -4.48 -13.99
CA TYR B 68 -18.45 -5.01 -15.20
C TYR B 68 -19.23 -6.28 -14.91
N THR B 69 -20.22 -6.55 -15.75
CA THR B 69 -21.00 -7.76 -15.67
C THR B 69 -21.56 -8.07 -17.04
N GLU B 70 -21.70 -9.36 -17.33
CA GLU B 70 -22.35 -9.79 -18.56
C GLU B 70 -23.85 -9.54 -18.47
N PHE B 71 -24.44 -9.08 -19.57
CA PHE B 71 -25.88 -8.84 -19.59
C PHE B 71 -26.35 -8.88 -21.04
N THR B 72 -27.66 -8.99 -21.20
CA THR B 72 -28.31 -8.97 -22.50
C THR B 72 -29.32 -7.83 -22.53
N PRO B 73 -29.02 -6.72 -23.21
CA PRO B 73 -29.92 -5.57 -23.15
C PRO B 73 -31.26 -5.84 -23.85
N THR B 74 -32.33 -5.42 -23.20
CA THR B 74 -33.66 -5.42 -23.76
C THR B 74 -34.17 -3.99 -23.82
N GLU B 75 -35.28 -3.79 -24.54
CA GLU B 75 -35.84 -2.44 -24.67
C GLU B 75 -36.50 -1.98 -23.37
N LYS B 76 -37.09 -2.90 -22.60
CA LYS B 76 -37.85 -2.54 -21.41
C LYS B 76 -36.98 -2.37 -20.17
N ASP B 77 -35.73 -2.83 -20.19
CA ASP B 77 -34.88 -2.81 -19.01
C ASP B 77 -33.98 -1.56 -19.04
N GLU B 78 -33.98 -0.83 -17.92
CA GLU B 78 -33.10 0.32 -17.74
C GLU B 78 -31.93 -0.10 -16.88
N TYR B 79 -30.73 0.29 -17.27
CA TYR B 79 -29.53 -0.04 -16.52
C TYR B 79 -28.86 1.22 -16.02
N ALA B 80 -28.10 1.07 -14.95
CA ALA B 80 -27.46 2.21 -14.32
C ALA B 80 -26.31 1.72 -13.45
N CYS B 81 -25.51 2.67 -13.01
CA CYS B 81 -24.42 2.42 -12.08
C CYS B 81 -24.66 3.25 -10.83
N ARG B 82 -24.45 2.62 -9.67
CA ARG B 82 -24.62 3.27 -8.37
C ARG B 82 -23.27 3.30 -7.67
N VAL B 83 -22.86 4.48 -7.22
CA VAL B 83 -21.53 4.70 -6.68
C VAL B 83 -21.65 5.48 -5.37
N ASN B 84 -20.99 4.98 -4.32
CA ASN B 84 -20.91 5.71 -3.08
C ASN B 84 -19.45 5.85 -2.70
N HIS B 85 -19.14 6.97 -2.06
CA HIS B 85 -17.79 7.36 -1.72
C HIS B 85 -17.88 8.31 -0.55
N VAL B 86 -16.76 8.49 0.16
CA VAL B 86 -16.79 9.36 1.34
C VAL B 86 -17.23 10.78 0.95
N THR B 87 -16.95 11.19 -0.28
CA THR B 87 -17.30 12.53 -0.73
C THR B 87 -18.78 12.68 -1.05
N LEU B 88 -19.55 11.60 -1.06
CA LEU B 88 -20.96 11.64 -1.43
C LEU B 88 -21.78 11.28 -0.19
N SER B 89 -22.81 12.08 0.10
CA SER B 89 -23.66 11.77 1.25
C SER B 89 -24.65 10.67 0.95
N GLN B 90 -25.05 10.51 -0.30
CA GLN B 90 -25.86 9.39 -0.75
C GLN B 90 -25.29 8.91 -2.08
N PRO B 91 -25.53 7.64 -2.43
CA PRO B 91 -24.95 7.13 -3.67
C PRO B 91 -25.40 7.97 -4.85
N LYS B 92 -24.52 8.08 -5.84
CA LYS B 92 -24.81 8.76 -7.09
C LYS B 92 -25.18 7.70 -8.12
N ILE B 93 -26.28 7.94 -8.84
CA ILE B 93 -26.79 6.99 -9.83
C ILE B 93 -26.67 7.63 -11.20
N VAL B 94 -26.00 6.94 -12.11
CA VAL B 94 -25.80 7.41 -13.48
C VAL B 94 -26.47 6.40 -14.39
N LYS B 95 -27.45 6.85 -15.16
CA LYS B 95 -28.18 5.94 -16.03
C LYS B 95 -27.38 5.62 -17.28
N TRP B 96 -27.56 4.41 -17.78
CA TRP B 96 -26.97 4.02 -19.05
C TRP B 96 -27.84 4.57 -20.19
N ASP B 97 -27.19 5.27 -21.11
CA ASP B 97 -27.83 5.88 -22.26
C ASP B 97 -27.17 5.27 -23.50
N ARG B 98 -27.98 4.79 -24.44
CA ARG B 98 -27.43 4.19 -25.65
C ARG B 98 -26.49 5.14 -26.38
N ASP B 99 -26.84 6.43 -26.40
CA ASP B 99 -26.07 7.44 -27.18
C ASP B 99 -24.89 7.98 -26.38
N MET B 100 -25.07 8.20 -25.09
CA MET B 100 -23.99 8.62 -24.18
C MET B 100 -24.67 9.01 -22.87
N ALA C 1 9.28 -7.26 -13.91
CA ALA C 1 9.63 -7.76 -12.58
C ALA C 1 9.85 -6.57 -11.65
N SER C 2 9.38 -6.72 -10.41
CA SER C 2 9.38 -5.64 -9.45
C SER C 2 10.78 -5.42 -8.88
N LEU C 3 10.95 -4.29 -8.20
CA LEU C 3 12.20 -3.99 -7.52
C LEU C 3 12.10 -4.45 -6.06
N ASN C 4 13.10 -5.20 -5.61
CA ASN C 4 13.21 -5.51 -4.18
C ASN C 4 13.74 -4.24 -3.53
N LEU C 5 12.82 -3.43 -3.01
CA LEU C 5 13.19 -2.07 -2.52
C LEU C 5 14.20 -2.11 -1.37
N PRO C 6 15.06 -1.09 -1.30
CA PRO C 6 15.98 -1.02 -0.21
C PRO C 6 15.12 -0.97 1.06
N ALA C 7 15.40 -1.83 2.02
CA ALA C 7 14.52 -1.85 3.21
C ALA C 7 14.78 -0.61 4.06
N VAL C 8 14.29 0.51 3.61
CA VAL C 8 14.53 1.79 4.31
C VAL C 8 13.20 2.35 4.74
N SER C 9 13.23 3.14 5.78
CA SER C 9 12.00 3.72 6.31
C SER C 9 11.81 5.15 5.80
N TRP C 10 10.60 5.61 5.86
CA TRP C 10 10.36 7.04 5.69
C TRP C 10 10.96 7.79 6.86
N ASP D 6 -19.89 -11.66 3.61
CA ASP D 6 -20.84 -11.13 4.58
C ASP D 6 -20.28 -11.27 6.00
N LYS D 7 -19.01 -10.93 6.14
CA LYS D 7 -18.24 -11.14 7.36
C LYS D 7 -17.84 -9.79 7.95
N PRO D 8 -18.20 -9.45 9.18
CA PRO D 8 -17.75 -8.19 9.76
C PRO D 8 -16.26 -8.24 10.09
N PHE D 9 -15.70 -7.06 10.37
CA PHE D 9 -14.31 -6.94 10.82
C PHE D 9 -14.32 -6.56 12.29
N LEU D 10 -13.87 -7.48 13.14
CA LEU D 10 -13.75 -7.26 14.57
C LEU D 10 -12.34 -6.78 14.89
N SER D 11 -12.23 -5.78 15.78
CA SER D 11 -10.94 -5.25 16.17
C SER D 11 -10.93 -4.85 17.64
N ALA D 12 -9.74 -4.91 18.24
CA ALA D 12 -9.51 -4.48 19.61
C ALA D 12 -8.66 -3.22 19.61
N TRP D 13 -8.99 -2.26 20.49
CA TRP D 13 -8.28 -0.99 20.49
C TRP D 13 -8.07 -0.49 21.92
N PRO D 14 -6.85 -0.05 22.26
CA PRO D 14 -5.67 0.08 21.41
C PRO D 14 -4.88 -1.21 21.16
N SER D 15 -5.11 -2.25 21.94
CA SER D 15 -4.29 -3.46 21.85
C SER D 15 -5.09 -4.65 22.36
N ALA D 16 -4.98 -5.79 21.68
CA ALA D 16 -5.63 -6.99 22.18
C ALA D 16 -4.85 -7.60 23.34
N VAL D 17 -3.56 -7.28 23.47
CA VAL D 17 -2.76 -7.68 24.63
C VAL D 17 -2.85 -6.53 25.63
N VAL D 18 -3.48 -6.79 26.77
CA VAL D 18 -3.87 -5.70 27.65
C VAL D 18 -3.68 -6.13 29.09
N PRO D 19 -3.24 -5.25 29.99
CA PRO D 19 -3.06 -5.64 31.38
C PRO D 19 -4.37 -5.52 32.16
N GLN D 20 -4.45 -6.26 33.25
CA GLN D 20 -5.48 -6.02 34.23
C GLN D 20 -5.45 -4.55 34.65
N GLY D 21 -6.63 -3.96 34.78
CA GLY D 21 -6.75 -2.54 35.06
C GLY D 21 -6.61 -1.65 33.85
N GLY D 22 -6.25 -2.18 32.69
CA GLY D 22 -6.14 -1.39 31.48
C GLY D 22 -7.50 -1.20 30.85
N HIS D 23 -7.51 -0.89 29.56
CA HIS D 23 -8.77 -0.76 28.85
C HIS D 23 -8.61 -1.28 27.43
N VAL D 24 -9.66 -1.93 26.93
CA VAL D 24 -9.70 -2.42 25.56
C VAL D 24 -11.13 -2.27 25.06
N THR D 25 -11.28 -1.94 23.78
CA THR D 25 -12.58 -1.74 23.16
C THR D 25 -12.71 -2.65 21.95
N LEU D 26 -13.80 -3.40 21.88
CA LEU D 26 -14.12 -4.21 20.71
C LEU D 26 -15.11 -3.45 19.83
N ARG D 27 -14.82 -3.37 18.55
CA ARG D 27 -15.75 -2.85 17.57
C ARG D 27 -15.91 -3.85 16.44
N CYS D 28 -17.09 -3.85 15.85
CA CYS D 28 -17.52 -4.86 14.88
C CYS D 28 -17.98 -4.08 13.65
N HIS D 29 -17.07 -3.81 12.73
CA HIS D 29 -17.39 -3.02 11.55
C HIS D 29 -18.06 -3.90 10.49
N TYR D 30 -19.27 -3.52 10.08
CA TYR D 30 -20.09 -4.35 9.20
C TYR D 30 -21.07 -3.46 8.47
N ARG D 31 -21.26 -3.72 7.18
CA ARG D 31 -22.12 -2.91 6.33
C ARG D 31 -21.76 -1.43 6.43
N HIS D 32 -20.45 -1.16 6.36
CA HIS D 32 -19.91 0.19 6.34
C HIS D 32 -20.40 1.01 7.54
N ARG D 33 -20.45 0.36 8.70
CA ARG D 33 -20.77 1.04 9.96
C ARG D 33 -20.12 0.26 11.09
N PHE D 34 -19.83 0.97 12.18
CA PHE D 34 -19.58 0.30 13.46
C PHE D 34 -20.95 -0.06 14.02
N ASN D 35 -21.47 -1.18 13.52
CA ASN D 35 -22.87 -1.56 13.63
C ASN D 35 -23.20 -2.03 15.05
N ASN D 36 -24.50 -2.26 15.26
CA ASN D 36 -24.94 -3.07 16.39
C ASN D 36 -24.43 -4.50 16.21
N PHE D 37 -24.05 -5.14 17.31
CA PHE D 37 -23.50 -6.48 17.17
C PHE D 37 -23.72 -7.26 18.46
N MET D 38 -23.66 -8.59 18.31
CA MET D 38 -23.55 -9.50 19.42
C MET D 38 -22.17 -10.13 19.37
N LEU D 39 -21.67 -10.49 20.54
CA LEU D 39 -20.38 -11.14 20.64
C LEU D 39 -20.55 -12.61 20.96
N TYR D 40 -19.58 -13.39 20.52
CA TYR D 40 -19.52 -14.82 20.69
C TYR D 40 -18.11 -15.14 21.15
N LYS D 41 -17.92 -16.28 21.77
CA LYS D 41 -16.56 -16.73 22.18
C LYS D 41 -16.29 -18.08 21.54
N ARG D 44 -18.50 -21.56 20.91
CA ARG D 44 -19.72 -21.78 20.11
C ARG D 44 -20.05 -20.49 19.34
N ILE D 45 -19.99 -20.57 18.01
CA ILE D 45 -20.35 -19.41 17.16
C ILE D 45 -21.85 -19.49 16.82
N HIS D 46 -22.53 -20.49 17.40
CA HIS D 46 -24.01 -20.61 17.20
C HIS D 46 -24.80 -20.21 18.45
N ILE D 47 -24.18 -19.60 19.46
CA ILE D 47 -24.91 -19.14 20.64
C ILE D 47 -24.14 -17.96 21.22
N PRO D 48 -24.75 -16.79 21.39
CA PRO D 48 -24.01 -15.60 21.79
C PRO D 48 -23.80 -15.55 23.29
N ILE D 49 -22.86 -14.70 23.71
CA ILE D 49 -22.54 -14.52 25.12
C ILE D 49 -23.34 -13.35 25.68
N PHE D 50 -23.32 -13.20 27.02
CA PHE D 50 -24.03 -12.14 27.73
C PHE D 50 -25.54 -12.20 27.49
N HIS D 51 -26.08 -13.40 27.29
CA HIS D 51 -27.51 -13.58 27.03
C HIS D 51 -27.96 -12.75 25.84
N GLY D 52 -27.15 -12.77 24.78
CA GLY D 52 -27.54 -12.08 23.56
C GLY D 52 -27.53 -10.57 23.62
N ARG D 53 -26.86 -9.99 24.61
CA ARG D 53 -26.72 -8.54 24.67
C ARG D 53 -26.24 -7.99 23.33
N ILE D 54 -26.97 -7.00 22.82
CA ILE D 54 -26.67 -6.38 21.54
C ILE D 54 -25.96 -5.06 21.81
N PHE D 55 -24.66 -5.09 21.57
CA PHE D 55 -23.85 -3.88 21.80
C PHE D 55 -24.15 -2.96 20.65
N GLN D 56 -24.35 -1.71 20.98
CA GLN D 56 -24.76 -0.75 19.96
C GLN D 56 -23.54 -0.33 19.17
N GLU D 57 -22.50 0.20 19.80
CA GLU D 57 -21.39 0.68 18.94
C GLU D 57 -20.04 0.06 19.31
N SER D 58 -19.82 -0.17 20.57
CA SER D 58 -18.47 -0.64 20.94
C SER D 58 -18.53 -1.26 22.33
N PHE D 59 -17.90 -2.40 22.52
CA PHE D 59 -17.82 -2.98 23.88
C PHE D 59 -16.54 -2.44 24.55
N ASN D 60 -16.72 -1.55 25.51
CA ASN D 60 -15.57 -0.97 26.23
C ASN D 60 -15.36 -1.74 27.51
N MET D 61 -14.28 -2.51 27.54
CA MET D 61 -13.93 -3.25 28.74
C MET D 61 -12.95 -2.40 29.54
N SER D 62 -13.43 -1.85 30.66
CA SER D 62 -12.67 -0.89 31.43
C SER D 62 -13.26 -0.75 32.83
N PRO D 63 -12.51 -1.05 33.89
CA PRO D 63 -11.14 -1.59 33.82
C PRO D 63 -11.14 -3.04 33.37
N VAL D 64 -10.10 -3.42 32.62
CA VAL D 64 -9.97 -4.80 32.16
C VAL D 64 -9.80 -5.70 33.36
N THR D 65 -10.52 -6.81 33.35
CA THR D 65 -10.37 -7.88 34.33
C THR D 65 -9.99 -9.15 33.59
N THR D 66 -9.55 -10.15 34.36
CA THR D 66 -9.27 -11.45 33.75
C THR D 66 -10.51 -12.08 33.12
N ALA D 67 -11.71 -11.69 33.57
CA ALA D 67 -12.93 -12.22 32.97
C ALA D 67 -13.10 -11.76 31.52
N HIS D 68 -12.38 -10.73 31.10
CA HIS D 68 -12.45 -10.23 29.74
C HIS D 68 -11.58 -11.01 28.77
N ALA D 69 -10.61 -11.78 29.28
CA ALA D 69 -9.80 -12.63 28.43
C ALA D 69 -10.64 -13.65 27.66
N GLY D 70 -10.28 -13.84 26.39
CA GLY D 70 -10.97 -14.84 25.59
C GLY D 70 -10.81 -14.58 24.10
N ASN D 71 -11.44 -15.47 23.34
CA ASN D 71 -11.39 -15.52 21.88
C ASN D 71 -12.77 -15.13 21.37
N TYR D 72 -12.87 -13.92 20.82
CA TYR D 72 -14.15 -13.31 20.47
C TYR D 72 -14.38 -13.39 18.97
N THR D 73 -15.63 -13.61 18.58
CA THR D 73 -16.12 -13.22 17.26
C THR D 73 -17.38 -12.41 17.45
N CYS D 74 -17.74 -11.64 16.43
CA CYS D 74 -18.97 -10.88 16.46
C CYS D 74 -19.82 -11.24 15.25
N ARG D 75 -21.11 -10.93 15.35
CA ARG D 75 -22.01 -10.89 14.20
C ARG D 75 -22.68 -9.52 14.20
N GLY D 76 -22.73 -8.89 13.04
CA GLY D 76 -23.34 -7.59 12.92
C GLY D 76 -24.82 -7.69 12.59
N SER D 77 -25.58 -6.69 13.05
CA SER D 77 -27.01 -6.68 12.80
C SER D 77 -27.30 -6.53 11.31
N HIS D 78 -28.18 -7.39 10.79
CA HIS D 78 -28.58 -7.34 9.39
C HIS D 78 -30.09 -7.53 9.34
N PRO D 79 -30.85 -6.48 9.68
CA PRO D 79 -32.31 -6.64 9.86
C PRO D 79 -33.03 -7.19 8.65
N HIS D 80 -32.66 -6.76 7.46
CA HIS D 80 -33.33 -7.23 6.24
C HIS D 80 -32.54 -8.41 5.65
N SER D 81 -32.52 -9.49 6.40
CA SER D 81 -31.81 -10.69 5.97
C SER D 81 -32.54 -11.92 6.48
N PRO D 82 -32.32 -13.08 5.86
CA PRO D 82 -33.00 -14.31 6.33
C PRO D 82 -32.76 -14.64 7.78
N THR D 83 -31.51 -14.54 8.26
CA THR D 83 -31.19 -14.89 9.64
C THR D 83 -31.14 -13.68 10.57
N GLY D 84 -31.28 -12.47 10.05
CA GLY D 84 -31.19 -11.28 10.86
C GLY D 84 -29.79 -10.88 11.26
N TRP D 85 -28.78 -11.67 10.91
CA TRP D 85 -27.41 -11.37 11.31
C TRP D 85 -26.44 -11.82 10.22
N SER D 86 -25.20 -11.36 10.37
CA SER D 86 -24.07 -11.64 9.49
C SER D 86 -23.46 -13.00 9.81
N ALA D 87 -22.53 -13.42 8.96
CA ALA D 87 -21.67 -14.55 9.31
C ALA D 87 -20.76 -14.14 10.48
N ALA D 88 -20.05 -15.12 11.02
CA ALA D 88 -19.11 -14.82 12.09
C ALA D 88 -17.92 -14.03 11.55
N SER D 89 -17.49 -13.02 12.32
CA SER D 89 -16.36 -12.19 11.95
C SER D 89 -15.05 -12.94 12.10
N ASN D 90 -13.95 -12.26 11.76
CA ASN D 90 -12.64 -12.73 12.16
C ASN D 90 -12.61 -12.80 13.69
N PRO D 91 -11.86 -13.75 14.25
CA PRO D 91 -11.72 -13.80 15.71
C PRO D 91 -10.68 -12.81 16.18
N VAL D 92 -10.89 -12.32 17.40
CA VAL D 92 -9.93 -11.46 18.08
C VAL D 92 -9.72 -12.05 19.46
N VAL D 93 -8.47 -12.37 19.80
CA VAL D 93 -8.17 -12.96 21.09
C VAL D 93 -7.69 -11.84 22.02
N ILE D 94 -8.47 -11.56 23.06
CA ILE D 94 -8.03 -10.64 24.10
C ILE D 94 -7.18 -11.44 25.10
N MET D 95 -5.91 -11.08 25.20
CA MET D 95 -4.98 -11.73 26.12
C MET D 95 -4.69 -10.78 27.26
N VAL D 96 -5.10 -11.17 28.47
CA VAL D 96 -4.97 -10.31 29.64
C VAL D 96 -3.69 -10.68 30.36
N THR D 97 -2.79 -9.71 30.52
CA THR D 97 -1.49 -9.99 31.12
C THR D 97 -1.56 -9.83 32.64
N GLY D 98 -0.67 -10.53 33.33
CA GLY D 98 -0.79 -10.74 34.76
C GLY D 98 0.15 -9.87 35.59
N ASN D 99 0.27 -10.23 36.86
CA ASN D 99 1.06 -9.44 37.79
C ASN D 99 2.04 -10.28 38.60
N HIS D 100 2.32 -11.51 38.19
CA HIS D 100 3.22 -12.38 38.92
C HIS D 100 4.07 -13.17 37.92
N ARG D 101 5.24 -13.63 38.40
CA ARG D 101 6.06 -14.63 37.71
C ARG D 101 6.59 -14.12 36.37
N LYS D 102 7.27 -12.98 36.40
CA LYS D 102 7.69 -12.41 35.13
C LYS D 102 8.91 -13.15 34.60
N PRO D 103 8.93 -13.56 33.33
CA PRO D 103 10.12 -14.18 32.75
C PRO D 103 11.12 -13.10 32.37
N SER D 104 12.26 -13.53 31.83
CA SER D 104 13.28 -12.64 31.33
C SER D 104 13.44 -12.83 29.82
N LEU D 105 13.89 -11.77 29.14
CA LEU D 105 14.03 -11.76 27.69
C LEU D 105 15.43 -11.27 27.34
N LEU D 106 16.13 -12.01 26.48
CA LEU D 106 17.46 -11.58 26.09
C LEU D 106 17.73 -12.01 24.65
N ALA D 107 18.53 -11.20 23.96
CA ALA D 107 18.83 -11.42 22.55
C ALA D 107 20.15 -12.20 22.39
N HIS D 108 20.16 -13.13 21.45
CA HIS D 108 21.36 -13.87 21.10
C HIS D 108 21.66 -13.68 19.62
N PRO D 109 22.88 -13.25 19.24
CA PRO D 109 24.05 -12.96 20.08
C PRO D 109 23.93 -11.66 20.87
N GLY D 110 23.07 -10.75 20.43
CA GLY D 110 22.88 -9.49 21.13
C GLY D 110 21.79 -8.69 20.46
N PRO D 111 21.43 -7.53 21.04
CA PRO D 111 20.29 -6.77 20.53
C PRO D 111 20.61 -5.89 19.32
N LEU D 112 21.89 -5.79 18.92
CA LEU D 112 22.27 -5.07 17.71
C LEU D 112 22.28 -6.07 16.55
N VAL D 113 21.37 -5.90 15.60
CA VAL D 113 21.13 -6.90 14.57
C VAL D 113 21.40 -6.26 13.22
N LYS D 114 22.32 -6.85 12.46
CA LYS D 114 22.58 -6.36 11.11
C LYS D 114 21.36 -6.54 10.24
N SER D 115 21.05 -5.49 9.48
CA SER D 115 20.03 -5.55 8.45
C SER D 115 20.15 -6.83 7.64
N GLY D 116 19.02 -7.51 7.44
CA GLY D 116 19.00 -8.75 6.68
C GLY D 116 19.36 -10.00 7.45
N GLU D 117 19.78 -9.90 8.71
CA GLU D 117 20.18 -11.08 9.45
C GLU D 117 19.09 -11.43 10.45
N ARG D 118 19.31 -12.51 11.20
CA ARG D 118 18.34 -12.96 12.19
C ARG D 118 18.91 -12.83 13.59
N VAL D 119 18.02 -12.80 14.56
CA VAL D 119 18.41 -12.73 15.97
C VAL D 119 17.47 -13.63 16.75
N ILE D 120 17.98 -14.24 17.80
CA ILE D 120 17.17 -15.05 18.69
C ILE D 120 16.75 -14.17 19.86
N LEU D 121 15.44 -14.16 20.14
CA LEU D 121 14.92 -13.55 21.35
C LEU D 121 14.57 -14.70 22.26
N GLN D 122 15.35 -14.88 23.32
CA GLN D 122 15.18 -16.02 24.21
C GLN D 122 14.36 -15.59 25.42
N CYS D 123 13.22 -16.22 25.62
N CYS D 123 13.22 -16.23 25.60
CA CYS D 123 12.43 -16.02 26.84
CA CYS D 123 12.45 -16.13 26.82
C CYS D 123 12.70 -17.18 27.79
C CYS D 123 12.90 -17.22 27.76
N TRP D 124 13.02 -16.88 29.04
CA TRP D 124 13.46 -17.89 29.99
C TRP D 124 13.04 -17.51 31.40
N SER D 125 12.98 -18.53 32.24
CA SER D 125 12.57 -18.33 33.63
C SER D 125 13.02 -19.54 34.47
N ASP D 126 13.13 -19.31 35.78
CA ASP D 126 13.23 -20.42 36.72
C ASP D 126 11.89 -21.10 36.93
N ILE D 127 10.80 -20.35 36.72
CA ILE D 127 9.47 -20.94 36.71
C ILE D 127 9.32 -21.83 35.50
N MET D 128 8.72 -23.02 35.70
CA MET D 128 8.55 -23.98 34.61
C MET D 128 7.27 -23.65 33.84
N PHE D 129 7.37 -22.70 32.90
CA PHE D 129 6.23 -22.34 32.06
C PHE D 129 6.04 -23.39 30.96
N GLU D 130 4.79 -23.82 30.77
CA GLU D 130 4.49 -24.74 29.68
C GLU D 130 4.71 -24.09 28.33
N HIS D 131 4.37 -22.80 28.20
CA HIS D 131 4.54 -22.06 26.96
C HIS D 131 5.08 -20.67 27.23
N PHE D 132 5.77 -20.12 26.24
CA PHE D 132 6.16 -18.72 26.25
C PHE D 132 5.53 -18.00 25.06
N PHE D 133 5.34 -16.69 25.22
CA PHE D 133 4.77 -15.82 24.22
C PHE D 133 5.68 -14.62 23.99
N LEU D 134 5.78 -14.15 22.73
CA LEU D 134 6.58 -12.99 22.40
C LEU D 134 5.67 -11.95 21.74
N HIS D 135 5.77 -10.70 22.18
CA HIS D 135 4.92 -9.63 21.68
C HIS D 135 5.75 -8.38 21.45
N LYS D 136 5.79 -7.90 20.22
CA LYS D 136 6.37 -6.61 19.94
C LYS D 136 5.40 -5.52 20.37
N GLU D 137 5.88 -4.59 21.20
CA GLU D 137 5.00 -3.54 21.73
C GLU D 137 4.29 -2.81 20.59
N GLY D 138 2.97 -2.75 20.68
CA GLY D 138 2.18 -1.94 19.78
C GLY D 138 1.77 -2.57 18.45
N ILE D 139 1.99 -3.86 18.24
CA ILE D 139 1.51 -4.52 17.04
C ILE D 139 0.20 -5.24 17.36
N SER D 140 -0.62 -5.44 16.31
CA SER D 140 -1.95 -6.01 16.52
C SER D 140 -1.99 -7.53 16.35
N LYS D 141 -0.92 -8.15 15.85
CA LYS D 141 -0.88 -9.60 15.67
C LYS D 141 -0.93 -10.32 17.01
N ASP D 142 -1.44 -11.57 16.97
CA ASP D 142 -1.40 -12.41 18.14
C ASP D 142 0.03 -12.63 18.60
N PRO D 143 0.31 -12.61 19.90
CA PRO D 143 1.63 -12.99 20.40
C PRO D 143 2.02 -14.37 19.91
N SER D 144 3.26 -14.48 19.40
CA SER D 144 3.78 -15.77 18.99
C SER D 144 3.98 -16.65 20.21
N ARG D 145 3.73 -17.95 20.03
CA ARG D 145 3.80 -18.90 21.14
C ARG D 145 4.77 -20.03 20.82
N LEU D 146 5.52 -20.45 21.83
CA LEU D 146 6.45 -21.56 21.76
C LEU D 146 6.33 -22.38 23.03
N VAL D 147 6.55 -23.69 22.89
CA VAL D 147 6.66 -24.57 24.04
C VAL D 147 7.90 -24.21 24.84
N GLY D 148 7.77 -24.21 26.17
CA GLY D 148 8.92 -24.04 27.03
C GLY D 148 9.73 -25.32 27.13
N GLN D 149 11.03 -25.21 26.93
CA GLN D 149 11.93 -26.34 27.03
C GLN D 149 12.67 -26.28 28.36
N ILE D 150 12.69 -27.41 29.07
CA ILE D 150 13.27 -27.47 30.40
C ILE D 150 14.68 -28.06 30.29
N HIS D 151 15.65 -27.38 30.90
CA HIS D 151 17.02 -27.87 30.95
C HIS D 151 17.77 -27.13 32.05
N ASP D 152 18.23 -27.85 33.07
CA ASP D 152 19.05 -27.29 34.15
C ASP D 152 18.28 -26.24 34.95
N GLY D 153 17.08 -26.60 35.42
CA GLY D 153 16.33 -25.74 36.28
C GLY D 153 15.82 -24.45 35.65
N VAL D 154 15.81 -24.35 34.32
CA VAL D 154 15.22 -23.21 33.63
C VAL D 154 14.29 -23.72 32.54
N SER D 155 13.20 -23.01 32.31
CA SER D 155 12.34 -23.20 31.15
C SER D 155 12.65 -22.08 30.16
N LYS D 156 12.76 -22.43 28.86
CA LYS D 156 13.17 -21.41 27.90
C LYS D 156 12.64 -21.74 26.51
N ALA D 157 12.49 -20.69 25.69
CA ALA D 157 12.07 -20.79 24.30
C ALA D 157 12.87 -19.79 23.46
N ASN D 158 13.23 -20.21 22.25
CA ASN D 158 14.04 -19.39 21.35
C ASN D 158 13.17 -18.86 20.21
N PHE D 159 12.78 -17.60 20.29
CA PHE D 159 12.01 -16.97 19.22
C PHE D 159 12.96 -16.42 18.16
N SER D 160 12.70 -16.75 16.90
CA SER D 160 13.47 -16.23 15.76
C SER D 160 12.83 -14.96 15.22
N ILE D 161 13.63 -13.91 15.05
CA ILE D 161 13.17 -12.67 14.44
C ILE D 161 14.10 -12.36 13.28
N GLY D 162 13.53 -12.04 12.12
CA GLY D 162 14.33 -11.71 10.95
C GLY D 162 13.74 -12.27 9.67
N PRO D 163 14.34 -11.95 8.51
CA PRO D 163 15.50 -11.08 8.29
C PRO D 163 15.24 -9.64 8.71
N MET D 164 16.20 -9.09 9.43
CA MET D 164 16.00 -7.86 10.18
C MET D 164 15.81 -6.66 9.26
N MET D 165 14.77 -5.88 9.53
CA MET D 165 14.58 -4.57 8.90
C MET D 165 13.85 -3.69 9.91
N PHE D 166 13.65 -2.42 9.55
CA PHE D 166 13.30 -1.44 10.56
C PHE D 166 11.97 -1.73 11.24
N ALA D 167 11.05 -2.41 10.54
CA ALA D 167 9.74 -2.70 11.12
C ALA D 167 9.81 -3.77 12.21
N LEU D 168 10.90 -4.55 12.26
CA LEU D 168 11.10 -5.53 13.31
C LEU D 168 11.92 -4.99 14.48
N ALA D 169 12.45 -3.78 14.37
CA ALA D 169 13.22 -3.17 15.44
C ALA D 169 12.31 -2.48 16.44
N GLY D 170 12.82 -2.31 17.64
CA GLY D 170 12.05 -1.68 18.68
C GLY D 170 11.86 -2.61 19.87
N THR D 171 10.84 -2.34 20.68
CA THR D 171 10.72 -2.93 22.00
C THR D 171 9.88 -4.21 21.95
N TYR D 172 10.43 -5.28 22.53
CA TYR D 172 9.73 -6.55 22.68
C TYR D 172 9.54 -6.88 24.16
N ARG D 173 8.47 -7.64 24.42
CA ARG D 173 8.19 -8.23 25.72
C ARG D 173 7.94 -9.72 25.53
N CYS D 174 8.26 -10.51 26.55
CA CYS D 174 7.82 -11.89 26.51
C CYS D 174 7.08 -12.22 27.80
N TYR D 175 6.37 -13.34 27.74
CA TYR D 175 5.44 -13.73 28.80
C TYR D 175 5.46 -15.24 28.95
N GLY D 176 5.15 -15.68 30.16
CA GLY D 176 4.86 -17.07 30.39
C GLY D 176 3.38 -17.36 30.29
N SER D 177 3.08 -18.62 30.00
CA SER D 177 1.70 -19.09 30.03
C SER D 177 1.15 -19.06 31.45
N VAL D 178 -0.17 -19.20 31.53
CA VAL D 178 -0.92 -19.27 32.79
C VAL D 178 -1.62 -20.62 32.82
N THR D 179 -1.50 -21.34 33.92
CA THR D 179 -1.92 -22.73 33.92
C THR D 179 -3.44 -22.86 33.76
N HIS D 180 -4.21 -21.90 34.25
CA HIS D 180 -5.66 -22.11 34.32
C HIS D 180 -6.43 -21.47 33.17
N THR D 181 -5.75 -20.91 32.17
CA THR D 181 -6.44 -20.45 30.98
C THR D 181 -5.45 -20.16 29.87
N PRO D 182 -5.79 -20.49 28.62
CA PRO D 182 -4.91 -20.11 27.50
C PRO D 182 -4.98 -18.64 27.12
N TYR D 183 -5.82 -17.83 27.77
CA TYR D 183 -6.03 -16.46 27.35
C TYR D 183 -5.45 -15.43 28.32
N GLN D 184 -4.70 -15.91 29.28
CA GLN D 184 -4.00 -14.97 30.17
C GLN D 184 -2.51 -15.19 30.00
N LEU D 185 -1.77 -14.15 30.31
CA LEU D 185 -0.31 -14.26 30.28
C LEU D 185 0.28 -13.85 31.62
N SER D 186 1.50 -14.26 31.87
CA SER D 186 2.23 -13.79 33.05
C SER D 186 2.44 -12.29 32.97
N ALA D 187 3.06 -11.76 34.01
CA ALA D 187 3.48 -10.37 33.95
C ALA D 187 4.49 -10.29 32.80
N PRO D 188 4.54 -9.16 32.12
CA PRO D 188 5.48 -9.01 31.00
C PRO D 188 6.91 -9.00 31.51
N SER D 189 7.81 -9.59 30.73
CA SER D 189 9.25 -9.42 30.98
C SER D 189 9.61 -7.93 30.95
N ASP D 190 10.78 -7.60 31.51
CA ASP D 190 11.34 -6.30 31.27
C ASP D 190 11.56 -6.14 29.76
N PRO D 191 11.49 -4.92 29.24
CA PRO D 191 11.54 -4.73 27.79
C PRO D 191 12.93 -4.98 27.25
N LEU D 192 12.97 -5.43 26.01
CA LEU D 192 14.23 -5.60 25.29
C LEU D 192 14.11 -4.80 24.01
N ASP D 193 15.04 -3.87 23.79
CA ASP D 193 15.04 -3.07 22.57
C ASP D 193 15.95 -3.70 21.54
N ILE D 194 15.40 -3.98 20.37
CA ILE D 194 16.17 -4.51 19.25
C ILE D 194 16.46 -3.36 18.30
N VAL D 195 17.73 -3.19 17.96
CA VAL D 195 18.19 -2.14 17.06
C VAL D 195 18.72 -2.80 15.81
N VAL D 196 18.31 -2.31 14.63
CA VAL D 196 18.86 -2.78 13.35
C VAL D 196 19.96 -1.82 12.91
N THR D 197 21.05 -2.36 12.39
CA THR D 197 22.15 -1.58 11.83
C THR D 197 22.14 -1.72 10.32
N GLY D 198 22.19 -0.59 9.62
CA GLY D 198 22.11 -0.56 8.18
C GLY D 198 20.68 -0.38 7.72
N PRO D 199 20.49 -0.04 6.45
CA PRO D 199 21.53 0.07 5.41
C PRO D 199 22.24 1.42 5.34
N TYR D 200 21.95 2.34 6.27
CA TYR D 200 22.60 3.65 6.22
C TYR D 200 24.11 3.50 6.28
N GLU D 201 24.80 4.32 5.49
CA GLU D 201 26.24 4.15 5.27
C GLU D 201 27.00 4.33 6.58
N LYS D 202 28.04 3.50 6.75
CA LYS D 202 28.80 3.57 7.99
C LYS D 202 29.53 4.90 8.09
N PRO D 203 29.68 5.44 9.30
CA PRO D 203 30.51 6.62 9.50
C PRO D 203 31.97 6.20 9.56
N SER D 204 32.83 7.20 9.54
CA SER D 204 34.24 7.03 9.81
C SER D 204 34.49 7.25 11.30
N LEU D 205 35.37 6.44 11.87
CA LEU D 205 35.78 6.61 13.25
C LEU D 205 37.29 6.76 13.30
N SER D 206 37.77 7.83 13.92
CA SER D 206 39.21 8.06 13.92
C SER D 206 39.59 8.95 15.11
N ALA D 207 40.85 8.86 15.52
CA ALA D 207 41.36 9.79 16.51
C ALA D 207 41.61 11.11 15.79
N GLN D 208 40.85 12.13 16.16
CA GLN D 208 40.94 13.41 15.42
C GLN D 208 41.75 14.42 16.20
N GLY D 216 47.29 23.40 21.70
CA GLY D 216 45.93 23.81 21.91
C GLY D 216 44.87 22.86 21.41
N GLU D 217 45.24 21.64 21.01
CA GLU D 217 44.30 20.64 20.51
C GLU D 217 44.25 19.43 21.43
N SER D 218 43.11 18.75 21.45
CA SER D 218 42.91 17.57 22.26
C SER D 218 42.47 16.41 21.38
N VAL D 219 43.03 15.23 21.64
CA VAL D 219 42.72 14.05 20.82
C VAL D 219 41.44 13.41 21.30
N THR D 220 40.48 13.23 20.38
CA THR D 220 39.17 12.65 20.67
C THR D 220 38.91 11.52 19.69
N LEU D 221 37.94 10.66 20.03
CA LEU D 221 37.40 9.71 19.06
C LEU D 221 36.29 10.41 18.31
N SER D 222 36.49 10.66 17.03
CA SER D 222 35.52 11.41 16.24
C SER D 222 34.80 10.48 15.31
N CYS D 223 33.46 10.52 15.36
CA CYS D 223 32.61 9.78 14.45
C CYS D 223 32.09 10.77 13.41
N SER D 224 32.28 10.49 12.12
CA SER D 224 31.97 11.50 11.11
C SER D 224 31.37 10.88 9.86
N SER D 225 30.61 11.70 9.13
CA SER D 225 29.98 11.26 7.90
C SER D 225 29.56 12.49 7.10
N ARG D 226 29.46 12.31 5.78
CA ARG D 226 28.78 13.35 5.01
C ARG D 226 27.26 13.22 5.06
N SER D 227 26.74 12.09 5.54
CA SER D 227 25.31 11.91 5.75
C SER D 227 24.88 12.65 7.01
N SER D 228 23.66 13.20 6.98
CA SER D 228 23.22 14.13 8.02
C SER D 228 22.61 13.38 9.21
N TYR D 229 23.40 12.48 9.80
CA TYR D 229 22.95 11.85 11.04
C TYR D 229 22.71 12.91 12.12
N ASP D 230 21.73 12.64 12.98
CA ASP D 230 21.41 13.52 14.10
C ASP D 230 22.22 13.17 15.34
N MET D 231 22.60 11.90 15.46
CA MET D 231 23.17 11.35 16.68
C MET D 231 24.23 10.34 16.30
N TYR D 232 25.30 10.28 17.11
CA TYR D 232 26.28 9.21 16.98
C TYR D 232 26.32 8.39 18.27
N HIS D 233 26.52 7.08 18.11
CA HIS D 233 26.63 6.14 19.20
C HIS D 233 27.98 5.47 19.13
N LEU D 234 28.70 5.47 20.23
CA LEU D 234 30.05 4.91 20.32
C LEU D 234 30.02 3.68 21.22
N SER D 235 30.46 2.53 20.73
CA SER D 235 30.48 1.34 21.57
C SER D 235 31.85 0.69 21.57
N ARG D 236 32.19 0.10 22.71
CA ARG D 236 33.45 -0.61 22.88
C ARG D 236 33.16 -2.10 22.97
N GLU D 237 33.91 -2.91 22.21
CA GLU D 237 33.86 -4.36 22.33
C GLU D 237 34.11 -4.76 23.77
N GLY D 238 33.26 -5.63 24.31
CA GLY D 238 33.42 -6.06 25.67
C GLY D 238 33.01 -5.06 26.73
N GLY D 239 32.47 -3.90 26.33
CA GLY D 239 31.82 -3.00 27.24
C GLY D 239 30.30 -3.13 27.12
N ALA D 240 29.60 -2.43 28.01
CA ALA D 240 28.15 -2.46 28.00
C ALA D 240 27.51 -1.10 27.76
N HIS D 241 28.12 -0.01 28.24
CA HIS D 241 27.52 1.32 28.13
C HIS D 241 27.88 1.93 26.79
N GLU D 242 26.88 2.20 25.97
CA GLU D 242 27.09 2.95 24.73
C GLU D 242 26.94 4.42 25.02
N ARG D 243 27.92 5.21 24.61
CA ARG D 243 27.85 6.66 24.69
C ARG D 243 27.18 7.20 23.44
N ARG D 244 26.51 8.32 23.59
CA ARG D 244 25.82 8.95 22.47
C ARG D 244 26.07 10.45 22.53
N LEU D 245 26.22 11.06 21.36
CA LEU D 245 26.41 12.50 21.28
C LEU D 245 25.65 13.01 20.06
N PRO D 246 25.12 14.23 20.12
CA PRO D 246 24.54 14.83 18.94
C PRO D 246 25.59 15.09 17.87
N ALA D 247 25.18 14.91 16.62
CA ALA D 247 26.06 15.25 15.51
C ALA D 247 26.11 16.76 15.35
N VAL D 248 27.31 17.28 15.17
CA VAL D 248 27.54 18.71 14.96
C VAL D 248 27.87 18.93 13.49
N ARG D 249 27.29 19.97 12.91
CA ARG D 249 27.63 20.35 11.54
C ARG D 249 28.97 21.07 11.54
N LYS D 250 29.94 20.50 10.85
CA LYS D 250 31.22 21.17 10.68
C LYS D 250 31.19 22.02 9.40
N VAL D 251 32.20 22.88 9.24
CA VAL D 251 32.22 23.81 8.11
C VAL D 251 32.63 23.15 6.79
N ASN D 252 33.18 21.93 6.86
CA ASN D 252 33.55 21.06 5.75
C ASN D 252 32.35 20.34 5.13
N ARG D 253 31.13 20.61 5.62
CA ARG D 253 29.90 19.89 5.30
C ARG D 253 29.88 18.46 5.85
N THR D 254 30.61 18.18 6.91
CA THR D 254 30.54 16.87 7.54
C THR D 254 29.76 16.96 8.84
N PHE D 255 29.21 15.82 9.24
CA PHE D 255 28.46 15.71 10.48
C PHE D 255 29.26 14.84 11.42
N GLN D 256 29.56 15.36 12.61
CA GLN D 256 30.61 14.72 13.39
C GLN D 256 30.32 14.88 14.86
N ALA D 257 30.71 13.88 15.64
CA ALA D 257 30.69 13.97 17.09
C ALA D 257 32.06 13.57 17.62
N ASP D 258 32.54 14.31 18.60
CA ASP D 258 33.87 14.14 19.15
C ASP D 258 33.73 13.58 20.56
N PHE D 259 33.98 12.27 20.73
CA PHE D 259 33.88 11.65 22.05
C PHE D 259 35.20 11.81 22.81
N PRO D 260 35.19 12.38 24.02
CA PRO D 260 36.45 12.64 24.73
C PRO D 260 37.27 11.38 24.98
N PRO D 263 41.98 10.50 30.53
CA PRO D 263 42.60 9.47 31.38
C PRO D 263 41.60 8.45 31.92
N ALA D 264 40.31 8.71 31.81
CA ALA D 264 39.28 7.80 32.29
C ALA D 264 38.75 6.85 31.21
N THR D 265 39.18 7.02 29.96
CA THR D 265 38.66 6.22 28.86
C THR D 265 39.35 4.86 28.82
N HIS D 266 38.55 3.80 28.69
CA HIS D 266 39.11 2.46 28.57
C HIS D 266 39.76 2.29 27.20
N GLY D 267 40.93 1.68 27.18
CA GLY D 267 41.50 1.23 25.92
C GLY D 267 40.69 0.08 25.34
N GLY D 268 40.85 -0.12 24.04
CA GLY D 268 40.23 -1.28 23.43
C GLY D 268 39.77 -0.95 22.03
N THR D 269 38.77 -1.73 21.58
CA THR D 269 38.29 -1.67 20.21
C THR D 269 36.92 -1.01 20.20
N TYR D 270 36.78 0.05 19.41
CA TYR D 270 35.57 0.86 19.38
C TYR D 270 34.96 0.85 17.98
N ARG D 271 33.64 1.02 17.95
CA ARG D 271 32.88 1.26 16.72
C ARG D 271 31.87 2.38 16.94
N CYS D 272 31.47 3.06 15.86
CA CYS D 272 30.43 4.05 16.02
C CYS D 272 29.36 3.91 14.94
N PHE D 273 28.19 4.47 15.25
CA PHE D 273 26.98 4.32 14.44
C PHE D 273 26.28 5.68 14.42
N GLY D 274 25.72 6.04 13.27
CA GLY D 274 24.87 7.21 13.16
C GLY D 274 23.41 6.82 13.29
N SER D 275 22.57 7.78 13.70
CA SER D 275 21.13 7.54 13.72
C SER D 275 20.39 8.86 13.53
N PHE D 276 19.08 8.76 13.28
CA PHE D 276 18.23 9.91 13.08
C PHE D 276 17.29 10.08 14.26
N ARG D 277 17.00 11.35 14.59
CA ARG D 277 16.21 11.65 15.77
C ARG D 277 14.81 11.06 15.65
N HIS D 278 14.28 10.57 16.76
CA HIS D 278 12.94 9.97 16.84
C HIS D 278 12.84 8.64 16.06
N SER D 279 13.95 8.13 15.53
CA SER D 279 14.03 6.77 15.00
C SER D 279 15.14 6.05 15.73
N PRO D 280 14.99 5.84 17.04
CA PRO D 280 16.13 5.38 17.85
C PRO D 280 16.48 3.91 17.67
N TYR D 281 15.68 3.14 16.93
CA TYR D 281 15.99 1.72 16.74
C TYR D 281 16.58 1.42 15.37
N GLU D 282 16.90 2.45 14.57
CA GLU D 282 17.53 2.27 13.26
C GLU D 282 18.89 2.96 13.32
N TRP D 283 19.97 2.18 13.30
CA TRP D 283 21.32 2.73 13.27
C TRP D 283 21.96 2.45 11.92
N SER D 284 23.01 3.20 11.62
CA SER D 284 23.76 2.93 10.40
C SER D 284 24.52 1.61 10.56
N ASP D 285 25.07 1.14 9.44
CA ASP D 285 26.14 0.16 9.54
C ASP D 285 27.21 0.65 10.50
N PRO D 286 27.94 -0.24 11.17
CA PRO D 286 29.00 0.21 12.06
C PRO D 286 30.20 0.72 11.28
N SER D 287 30.86 1.73 11.86
CA SER D 287 32.18 2.11 11.38
C SER D 287 33.11 0.90 11.45
N ASP D 288 34.18 0.94 10.65
CA ASP D 288 35.28 0.02 10.87
C ASP D 288 35.71 0.11 12.33
N PRO D 289 36.15 -1.00 12.92
CA PRO D 289 36.61 -0.92 14.31
C PRO D 289 37.86 -0.07 14.41
N LEU D 290 37.99 0.63 15.53
CA LEU D 290 39.16 1.46 15.84
C LEU D 290 39.79 1.01 17.14
N LEU D 291 41.07 0.65 17.09
CA LEU D 291 41.84 0.37 18.29
C LEU D 291 42.21 1.68 18.96
N VAL D 292 41.88 1.80 20.25
CA VAL D 292 42.26 2.95 21.06
C VAL D 292 43.29 2.48 22.08
N SER D 293 44.42 3.15 22.13
CA SER D 293 45.50 2.74 23.01
C SER D 293 45.55 3.62 24.26
N VAL D 294 46.25 3.09 25.26
CA VAL D 294 46.50 3.76 26.54
C VAL D 294 45.22 4.35 27.15
#